data_4EGX
#
_entry.id   4EGX
#
_cell.length_a   83.943
_cell.length_b   87.855
_cell.length_c   101.694
_cell.angle_alpha   90.00
_cell.angle_beta   90.00
_cell.angle_gamma   90.00
#
_symmetry.space_group_name_H-M   'P 21 21 21'
#
loop_
_entity.id
_entity.type
_entity.pdbx_description
1 polymer 'Kinesin-like protein KIF1A'
2 non-polymer DI(HYDROXYETHYL)ETHER
3 non-polymer GLYCEROL
4 water water
#
_entity_poly.entity_id   1
_entity_poly.type   'polypeptide(L)'
_entity_poly.pdbx_seq_one_letter_code
;GPGSEFSEEAIERLKETEKIIAELNETWEEKLRRTEAIRMEREALLAEMGVAMREDGGTLGVFSPKKTPHLVNLNEDPLM
SECLLYYIKDGITRVGREDGERRQDIVLSGHFIKEEHCVFRSDSRGGSEAVVTLEPCEGADTYVNGKKVTEPSILRSGNR
IIMGKSHVFRFNHPEQARQERERT
;
_entity_poly.pdbx_strand_id   A,B,C,D
#
loop_
_chem_comp.id
_chem_comp.type
_chem_comp.name
_chem_comp.formula
GOL non-polymer GLYCEROL 'C3 H8 O3'
PEG non-polymer DI(HYDROXYETHYL)ETHER 'C4 H10 O3'
#
# COMPACT_ATOMS: atom_id res chain seq x y z
N GLY A 1 -35.89 -15.35 67.32
CA GLY A 1 -36.66 -14.21 67.92
C GLY A 1 -36.76 -13.07 66.90
N PRO A 2 -37.06 -11.84 67.39
CA PRO A 2 -36.93 -10.61 66.59
C PRO A 2 -35.47 -10.33 66.26
N GLY A 3 -34.61 -10.30 67.28
CA GLY A 3 -33.16 -10.11 67.09
C GLY A 3 -32.57 -10.99 66.02
N SER A 4 -32.94 -12.28 66.03
CA SER A 4 -32.48 -13.23 65.03
C SER A 4 -33.14 -12.99 63.68
N GLU A 5 -34.40 -12.51 63.68
CA GLU A 5 -35.07 -12.15 62.43
C GLU A 5 -34.41 -10.94 61.75
N PHE A 6 -34.04 -9.94 62.55
CA PHE A 6 -33.37 -8.75 62.01
C PHE A 6 -32.06 -9.12 61.32
N SER A 7 -31.31 -10.05 61.93
CA SER A 7 -30.08 -10.53 61.33
C SER A 7 -30.35 -11.21 60.00
N GLU A 8 -31.44 -11.97 59.92
CA GLU A 8 -31.82 -12.66 58.69
C GLU A 8 -32.24 -11.63 57.66
N GLU A 9 -32.98 -10.64 58.14
CA GLU A 9 -33.54 -9.61 57.30
C GLU A 9 -32.41 -8.82 56.65
N ALA A 10 -31.52 -8.25 57.47
CA ALA A 10 -30.36 -7.47 56.98
C ALA A 10 -29.44 -8.19 55.99
N ILE A 11 -29.22 -9.48 56.22
CA ILE A 11 -28.34 -10.28 55.37
C ILE A 11 -28.91 -10.50 53.97
N GLU A 12 -30.21 -10.77 53.89
CA GLU A 12 -30.89 -10.92 52.61
C GLU A 12 -30.75 -9.66 51.81
N ARG A 13 -30.79 -8.52 52.50
CA ARG A 13 -30.66 -7.23 51.83
C ARG A 13 -29.32 -7.01 51.12
N LEU A 14 -28.27 -7.58 51.70
CA LEU A 14 -26.93 -7.53 51.13
C LEU A 14 -26.82 -8.45 49.91
N LYS A 15 -27.42 -9.63 50.00
CA LYS A 15 -27.45 -10.54 48.85
C LYS A 15 -28.23 -9.93 47.70
N GLU A 16 -29.30 -9.20 48.02
CA GLU A 16 -30.08 -8.49 47.01
C GLU A 16 -29.30 -7.30 46.42
N THR A 17 -28.35 -6.76 47.17
CA THR A 17 -27.54 -5.65 46.69
C THR A 17 -26.44 -6.17 45.74
N GLU A 18 -25.84 -7.30 46.11
CA GLU A 18 -24.96 -8.07 45.25
C GLU A 18 -25.59 -8.35 43.90
N LYS A 19 -26.85 -8.76 43.88
CA LYS A 19 -27.61 -8.97 42.65
C LYS A 19 -27.81 -7.66 41.90
N ILE A 20 -28.25 -6.64 42.62
CA ILE A 20 -28.47 -5.30 42.06
C ILE A 20 -27.20 -4.69 41.42
N ILE A 21 -26.04 -4.99 42.00
CA ILE A 21 -24.76 -4.59 41.42
C ILE A 21 -24.43 -5.42 40.16
N ALA A 22 -24.66 -6.72 40.22
CA ALA A 22 -24.50 -7.56 39.04
C ALA A 22 -25.43 -7.07 37.94
N GLU A 23 -26.68 -6.78 38.32
CA GLU A 23 -27.65 -6.18 37.39
C GLU A 23 -27.19 -4.83 36.88
N LEU A 24 -26.57 -4.05 37.77
CA LEU A 24 -26.07 -2.73 37.40
C LEU A 24 -24.98 -2.84 36.34
N ASN A 25 -23.94 -3.61 36.66
CA ASN A 25 -22.91 -3.94 35.70
C ASN A 25 -23.56 -4.35 34.38
N GLU A 26 -24.54 -5.25 34.50
CA GLU A 26 -25.20 -5.87 33.35
C GLU A 26 -25.90 -4.91 32.39
N THR A 27 -26.75 -4.03 32.91
CA THR A 27 -27.53 -3.15 32.03
C THR A 27 -26.70 -2.01 31.46
N TRP A 28 -25.68 -1.61 32.20
CA TRP A 28 -24.76 -0.60 31.72
C TRP A 28 -23.95 -1.11 30.54
N GLU A 29 -23.45 -2.34 30.65
CA GLU A 29 -22.66 -2.97 29.60
C GLU A 29 -23.50 -3.21 28.35
N GLU A 30 -24.80 -3.39 28.58
CA GLU A 30 -25.77 -3.65 27.54
C GLU A 30 -26.06 -2.38 26.78
N LYS A 31 -26.23 -1.29 27.53
CA LYS A 31 -26.39 0.04 26.94
C LYS A 31 -25.12 0.46 26.22
N LEU A 32 -23.96 0.18 26.81
CA LEU A 32 -22.66 0.48 26.20
C LEU A 32 -22.47 -0.32 24.91
N ARG A 33 -22.80 -1.61 24.94
CA ARG A 33 -22.78 -2.47 23.73
C ARG A 33 -23.61 -1.88 22.59
N ARG A 34 -24.88 -1.56 22.89
CA ARG A 34 -25.83 -0.98 21.92
C ARG A 34 -25.36 0.32 21.30
N THR A 35 -24.78 1.18 22.13
CA THR A 35 -24.37 2.53 21.73
C THR A 35 -23.06 2.54 20.92
N GLU A 36 -22.05 1.82 21.39
CA GLU A 36 -20.78 1.65 20.69
C GLU A 36 -20.96 1.08 19.28
N ALA A 37 -22.01 0.29 19.09
CA ALA A 37 -22.31 -0.34 17.79
C ALA A 37 -22.84 0.64 16.75
N ILE A 38 -23.51 1.71 17.20
CA ILE A 38 -23.92 2.81 16.33
C ILE A 38 -22.68 3.49 15.76
N ARG A 39 -21.72 3.76 16.64
CA ARG A 39 -20.44 4.37 16.29
C ARG A 39 -19.71 3.49 15.28
N MET A 40 -19.68 2.19 15.57
CA MET A 40 -19.02 1.21 14.71
C MET A 40 -19.73 1.04 13.37
N GLU A 41 -21.04 1.31 13.34
CA GLU A 41 -21.82 1.31 12.10
C GLU A 41 -21.55 2.56 11.26
N ARG A 42 -21.37 3.71 11.91
CA ARG A 42 -20.93 4.92 11.22
C ARG A 42 -19.49 4.78 10.74
N GLU A 43 -18.66 4.14 11.56
CA GLU A 43 -17.29 3.78 11.21
C GLU A 43 -17.25 2.77 10.06
N ALA A 44 -18.34 2.02 9.90
CA ALA A 44 -18.49 1.06 8.82
C ALA A 44 -18.96 1.80 7.57
N LEU A 45 -19.81 2.81 7.77
CA LEU A 45 -20.24 3.66 6.65
C LEU A 45 -19.02 4.40 6.13
N LEU A 46 -18.17 4.86 7.04
CA LEU A 46 -16.98 5.64 6.67
C LEU A 46 -15.90 4.85 5.94
N ALA A 47 -15.75 3.56 6.30
CA ALA A 47 -14.88 2.67 5.56
C ALA A 47 -15.37 2.48 4.11
N GLU A 48 -16.67 2.21 3.95
CA GLU A 48 -17.31 2.13 2.63
C GLU A 48 -17.13 3.44 1.84
N MET A 49 -17.06 4.56 2.55
CA MET A 49 -16.82 5.85 1.90
C MET A 49 -15.31 6.12 1.67
N GLY A 50 -14.47 5.22 2.18
CA GLY A 50 -13.02 5.26 1.93
C GLY A 50 -12.15 5.91 3.00
N VAL A 51 -12.67 6.01 4.22
CA VAL A 51 -11.88 6.54 5.32
C VAL A 51 -11.09 5.37 5.91
N ALA A 52 -9.88 5.66 6.39
CA ALA A 52 -9.06 4.67 7.10
C ALA A 52 -9.18 4.83 8.60
N MET A 53 -9.42 3.72 9.29
CA MET A 53 -9.56 3.73 10.74
C MET A 53 -8.87 2.54 11.37
N ARG A 54 -8.14 2.83 12.44
CA ARG A 54 -7.70 1.83 13.39
C ARG A 54 -8.89 1.53 14.30
N GLU A 55 -8.84 0.35 14.93
CA GLU A 55 -9.89 -0.08 15.86
C GLU A 55 -10.23 1.05 16.84
N ASP A 56 -9.34 1.25 17.83
CA ASP A 56 -9.56 2.21 18.92
C ASP A 56 -9.11 3.63 18.58
N GLY A 57 -10.04 4.57 18.64
CA GLY A 57 -9.76 5.98 18.38
C GLY A 57 -9.98 6.38 16.92
N GLY A 58 -10.25 5.39 16.06
CA GLY A 58 -10.71 5.61 14.69
C GLY A 58 -9.84 6.38 13.70
N THR A 59 -10.37 7.52 13.24
CA THR A 59 -9.91 8.26 12.06
C THR A 59 -8.40 8.34 11.82
N LEU A 60 -8.00 8.05 10.58
CA LEU A 60 -6.59 8.14 10.16
C LEU A 60 -6.43 8.92 8.86
N GLY A 61 -7.40 8.78 7.96
CA GLY A 61 -7.35 9.46 6.67
C GLY A 61 -8.14 8.78 5.56
N VAL A 62 -7.81 9.11 4.31
CA VAL A 62 -8.58 8.66 3.14
C VAL A 62 -7.74 7.89 2.14
N PHE A 63 -8.20 6.68 1.81
CA PHE A 63 -7.57 5.83 0.82
C PHE A 63 -7.89 6.29 -0.59
N SER A 64 -6.97 6.01 -1.50
CA SER A 64 -7.31 6.01 -2.92
C SER A 64 -8.18 4.78 -3.14
N PRO A 65 -9.16 4.85 -4.05
CA PRO A 65 -9.96 3.66 -4.36
C PRO A 65 -9.14 2.56 -5.05
N LYS A 66 -9.50 1.31 -4.78
CA LYS A 66 -8.81 0.16 -5.38
C LYS A 66 -9.70 -0.67 -6.30
N LYS A 67 -10.85 -0.11 -6.66
CA LYS A 67 -11.80 -0.81 -7.51
C LYS A 67 -12.56 0.15 -8.39
N THR A 68 -12.52 1.43 -8.01
CA THR A 68 -13.24 2.49 -8.74
C THR A 68 -12.28 3.40 -9.48
N PRO A 69 -12.59 3.68 -10.75
CA PRO A 69 -11.92 4.75 -11.46
C PRO A 69 -12.23 6.10 -10.79
N HIS A 70 -11.28 7.02 -10.85
CA HIS A 70 -11.36 8.27 -10.10
C HIS A 70 -10.32 9.29 -10.55
N LEU A 71 -10.60 10.56 -10.30
CA LEU A 71 -9.66 11.62 -10.63
C LEU A 71 -8.99 12.07 -9.37
N VAL A 72 -7.67 12.18 -9.41
CA VAL A 72 -6.93 12.79 -8.34
C VAL A 72 -6.55 14.21 -8.76
N ASN A 73 -6.88 15.18 -7.89
CA ASN A 73 -6.57 16.59 -8.13
C ASN A 73 -5.13 16.90 -7.84
N LEU A 74 -4.43 17.46 -8.81
CA LEU A 74 -3.01 17.71 -8.66
C LEU A 74 -2.76 19.18 -8.34
N ASN A 75 -3.84 19.95 -8.21
CA ASN A 75 -3.73 21.36 -7.89
C ASN A 75 -3.39 21.51 -6.40
N GLU A 76 -2.45 22.40 -6.10
CA GLU A 76 -1.77 22.44 -4.80
C GLU A 76 -2.33 23.43 -3.76
N ASP A 77 -3.27 24.27 -4.17
CA ASP A 77 -3.81 25.26 -3.23
C ASP A 77 -4.64 24.54 -2.18
N PRO A 78 -4.39 24.82 -0.88
CA PRO A 78 -5.14 24.25 0.25
C PRO A 78 -6.61 24.65 0.29
N LEU A 79 -6.94 25.77 -0.36
CA LEU A 79 -8.28 26.36 -0.26
C LEU A 79 -9.05 26.35 -1.56
N MET A 80 -8.75 25.38 -2.43
CA MET A 80 -9.40 25.34 -3.72
C MET A 80 -10.83 24.85 -3.59
N SER A 81 -11.66 25.22 -4.55
CA SER A 81 -13.06 24.83 -4.60
C SER A 81 -13.29 23.36 -4.91
N GLU A 82 -12.39 22.75 -5.69
CA GLU A 82 -12.64 21.43 -6.26
C GLU A 82 -12.31 20.39 -5.25
N CYS A 83 -12.69 19.16 -5.52
CA CYS A 83 -12.45 18.05 -4.62
C CYS A 83 -11.03 17.59 -4.77
N LEU A 84 -10.52 16.94 -3.72
CA LEU A 84 -9.26 16.25 -3.82
C LEU A 84 -9.44 14.98 -4.65
N LEU A 85 -10.53 14.26 -4.42
CA LEU A 85 -10.80 13.04 -5.19
C LEU A 85 -12.18 13.11 -5.82
N TYR A 86 -12.30 12.82 -7.10
CA TYR A 86 -13.62 12.62 -7.72
C TYR A 86 -13.66 11.19 -8.16
N TYR A 87 -14.83 10.58 -8.06
CA TYR A 87 -14.99 9.22 -8.50
C TYR A 87 -15.58 9.28 -9.89
N ILE A 88 -15.35 8.22 -10.66
CA ILE A 88 -15.88 8.12 -12.00
C ILE A 88 -16.58 6.78 -12.08
N LYS A 89 -17.89 6.78 -11.93
CA LYS A 89 -18.63 5.54 -12.00
C LYS A 89 -19.62 5.49 -13.13
N ASP A 90 -20.20 4.31 -13.25
CA ASP A 90 -21.21 3.98 -14.23
C ASP A 90 -22.09 5.15 -14.62
N GLY A 91 -22.34 5.26 -15.92
CA GLY A 91 -23.11 6.39 -16.44
C GLY A 91 -22.25 7.62 -16.62
N ILE A 92 -22.90 8.76 -16.67
CA ILE A 92 -22.28 10.04 -17.01
C ILE A 92 -21.90 10.89 -15.80
N THR A 93 -20.74 11.52 -15.88
CA THR A 93 -20.28 12.51 -14.92
C THR A 93 -19.86 13.76 -15.67
N ARG A 94 -20.45 14.87 -15.26
CA ARG A 94 -20.34 16.11 -15.99
C ARG A 94 -19.40 17.10 -15.32
N VAL A 95 -18.69 17.85 -16.16
CA VAL A 95 -17.68 18.81 -15.71
C VAL A 95 -17.99 20.20 -16.30
N GLY A 96 -17.99 21.23 -15.45
CA GLY A 96 -18.28 22.61 -15.91
C GLY A 96 -18.32 23.65 -14.80
N ARG A 97 -19.24 24.60 -14.90
CA ARG A 97 -19.33 25.68 -13.93
C ARG A 97 -20.65 25.75 -13.20
N GLU A 98 -20.63 26.30 -11.99
CA GLU A 98 -21.79 26.29 -11.10
C GLU A 98 -22.91 27.30 -11.45
N ASP A 99 -22.56 28.39 -12.11
CA ASP A 99 -23.55 29.42 -12.48
C ASP A 99 -24.52 28.96 -13.56
N GLY A 100 -23.99 28.33 -14.60
CA GLY A 100 -24.80 27.79 -15.69
C GLY A 100 -25.96 26.97 -15.16
N GLU A 101 -27.16 27.26 -15.66
CA GLU A 101 -28.38 26.63 -15.14
C GLU A 101 -28.31 25.10 -15.08
N ARG A 102 -27.93 24.45 -16.18
CA ARG A 102 -27.83 22.99 -16.17
C ARG A 102 -26.84 22.62 -15.09
N ARG A 103 -27.22 21.63 -14.29
CA ARG A 103 -26.48 21.25 -13.11
C ARG A 103 -25.24 20.43 -13.48
N GLN A 104 -24.07 20.90 -13.04
CA GLN A 104 -22.83 20.14 -13.22
C GLN A 104 -22.55 19.31 -11.99
N ASP A 105 -21.99 18.13 -12.21
CA ASP A 105 -21.64 17.22 -11.15
C ASP A 105 -20.28 17.60 -10.56
N ILE A 106 -19.31 17.83 -11.44
CA ILE A 106 -17.98 18.24 -11.06
C ILE A 106 -17.81 19.67 -11.48
N VAL A 107 -17.56 20.55 -10.51
CA VAL A 107 -17.47 21.98 -10.78
C VAL A 107 -16.04 22.51 -10.75
N LEU A 108 -15.67 23.18 -11.84
CA LEU A 108 -14.35 23.74 -12.01
C LEU A 108 -14.45 25.27 -12.01
N SER A 109 -13.72 25.94 -11.13
CA SER A 109 -13.63 27.41 -11.20
C SER A 109 -12.58 27.89 -12.21
N GLY A 110 -12.53 29.19 -12.43
CA GLY A 110 -11.57 29.77 -13.36
C GLY A 110 -12.30 30.34 -14.53
N HIS A 111 -11.63 31.23 -15.27
CA HIS A 111 -12.19 31.88 -16.43
C HIS A 111 -12.31 31.01 -17.69
N PHE A 112 -11.65 29.86 -17.70
CA PHE A 112 -11.52 29.10 -18.97
C PHE A 112 -12.31 27.80 -19.04
N ILE A 113 -13.12 27.56 -18.03
CA ILE A 113 -14.01 26.43 -18.06
C ILE A 113 -15.34 26.90 -18.66
N LYS A 114 -15.83 26.14 -19.62
CA LYS A 114 -17.13 26.40 -20.22
C LYS A 114 -18.24 25.88 -19.30
N GLU A 115 -19.47 26.35 -19.46
CA GLU A 115 -20.58 25.88 -18.63
C GLU A 115 -20.63 24.35 -18.62
N GLU A 116 -20.66 23.79 -19.83
CA GLU A 116 -20.56 22.37 -20.01
C GLU A 116 -19.23 22.26 -20.68
N HIS A 117 -18.29 21.59 -20.02
CA HIS A 117 -16.91 21.53 -20.51
C HIS A 117 -16.58 20.16 -21.11
N CYS A 118 -16.84 19.10 -20.34
CA CYS A 118 -16.68 17.76 -20.84
C CYS A 118 -17.56 16.83 -20.02
N VAL A 119 -17.74 15.61 -20.54
CA VAL A 119 -18.52 14.56 -19.90
C VAL A 119 -17.69 13.27 -19.79
N PHE A 120 -17.78 12.62 -18.63
CA PHE A 120 -17.21 11.29 -18.44
C PHE A 120 -18.27 10.23 -18.65
N ARG A 121 -17.94 9.21 -19.42
CA ARG A 121 -18.82 8.08 -19.62
C ARG A 121 -18.12 6.81 -19.21
N SER A 122 -18.70 6.08 -18.28
CA SER A 122 -18.20 4.76 -17.92
C SER A 122 -19.30 3.78 -18.29
N ASP A 123 -18.94 2.77 -19.06
CA ASP A 123 -19.89 1.73 -19.42
C ASP A 123 -19.30 0.41 -19.00
N SER A 124 -20.14 -0.40 -18.38
CA SER A 124 -19.77 -1.74 -17.98
C SER A 124 -20.93 -2.66 -18.28
N ARG A 125 -20.70 -3.64 -19.15
CA ARG A 125 -21.70 -4.68 -19.41
C ARG A 125 -21.83 -5.63 -18.21
N GLY A 126 -22.31 -6.83 -18.44
CA GLY A 126 -22.09 -7.91 -17.49
C GLY A 126 -20.60 -7.94 -17.21
N GLY A 127 -19.81 -7.61 -18.24
CA GLY A 127 -18.35 -7.55 -18.16
C GLY A 127 -17.93 -6.41 -17.29
N SER A 128 -17.64 -6.72 -16.04
CA SER A 128 -17.54 -5.73 -14.97
C SER A 128 -16.19 -4.98 -14.88
N GLU A 129 -15.55 -4.79 -16.03
CA GLU A 129 -14.46 -3.84 -16.07
C GLU A 129 -14.98 -2.63 -16.82
N ALA A 130 -14.92 -1.48 -16.14
CA ALA A 130 -15.35 -0.24 -16.72
C ALA A 130 -14.45 0.16 -17.90
N VAL A 131 -15.09 0.62 -18.97
CA VAL A 131 -14.42 1.33 -20.03
C VAL A 131 -14.79 2.78 -19.82
N VAL A 132 -13.80 3.64 -19.73
CA VAL A 132 -14.03 5.04 -19.40
C VAL A 132 -13.58 5.87 -20.59
N THR A 133 -14.51 6.63 -21.17
CA THR A 133 -14.18 7.51 -22.28
C THR A 133 -14.45 8.90 -21.80
N LEU A 134 -13.73 9.86 -22.36
CA LEU A 134 -13.93 11.25 -22.03
C LEU A 134 -14.50 11.96 -23.25
N GLU A 135 -15.60 12.69 -23.07
CA GLU A 135 -16.26 13.33 -24.18
C GLU A 135 -16.16 14.84 -24.09
N PRO A 136 -15.40 15.47 -25.00
CA PRO A 136 -15.28 16.92 -24.97
C PRO A 136 -16.57 17.60 -25.42
N CYS A 137 -16.85 18.77 -24.84
CA CYS A 137 -17.90 19.65 -25.32
C CYS A 137 -17.23 20.61 -26.30
N GLU A 138 -18.02 21.17 -27.21
CA GLU A 138 -17.45 22.05 -28.23
C GLU A 138 -17.03 23.40 -27.66
N GLY A 139 -15.82 23.82 -28.04
CA GLY A 139 -15.24 25.07 -27.56
C GLY A 139 -14.48 24.92 -26.25
N ALA A 140 -14.41 23.68 -25.73
CA ALA A 140 -13.84 23.44 -24.41
C ALA A 140 -12.48 22.75 -24.49
N ASP A 141 -11.46 23.40 -23.93
CA ASP A 141 -10.13 22.80 -23.93
C ASP A 141 -9.98 21.74 -22.86
N THR A 142 -9.70 20.53 -23.35
CA THR A 142 -9.32 19.40 -22.54
C THR A 142 -8.21 18.73 -23.29
N TYR A 143 -7.09 18.54 -22.60
CA TYR A 143 -5.94 17.81 -23.15
C TYR A 143 -5.64 16.63 -22.26
N VAL A 144 -5.43 15.48 -22.90
CA VAL A 144 -5.10 14.27 -22.19
C VAL A 144 -3.72 13.91 -22.61
N ASN A 145 -2.84 13.80 -21.62
CA ASN A 145 -1.41 13.53 -21.83
C ASN A 145 -0.78 14.46 -22.87
N GLY A 146 -1.24 15.71 -22.88
CA GLY A 146 -0.71 16.72 -23.79
C GLY A 146 -1.38 16.73 -25.16
N LYS A 147 -2.33 15.82 -25.37
CA LYS A 147 -3.02 15.70 -26.66
C LYS A 147 -4.44 16.28 -26.53
N LYS A 148 -4.76 17.28 -27.34
CA LYS A 148 -6.12 17.83 -27.26
C LYS A 148 -7.12 16.72 -27.55
N VAL A 149 -8.16 16.63 -26.73
CA VAL A 149 -9.22 15.66 -27.03
C VAL A 149 -10.41 16.39 -27.66
N THR A 150 -10.73 15.99 -28.89
CA THR A 150 -11.68 16.75 -29.70
C THR A 150 -12.87 15.88 -30.04
N GLU A 151 -12.78 14.62 -29.61
CA GLU A 151 -13.78 13.59 -29.84
C GLU A 151 -13.56 12.51 -28.77
N PRO A 152 -14.61 11.71 -28.43
CA PRO A 152 -14.52 10.67 -27.39
C PRO A 152 -13.27 9.78 -27.47
N SER A 153 -12.52 9.71 -26.36
CA SER A 153 -11.29 8.92 -26.31
C SER A 153 -11.15 8.15 -25.02
N ILE A 154 -10.71 6.90 -25.12
CA ILE A 154 -10.53 6.03 -23.97
C ILE A 154 -9.45 6.57 -23.05
N LEU A 155 -9.70 6.50 -21.75
CA LEU A 155 -8.73 6.91 -20.76
C LEU A 155 -8.11 5.67 -20.15
N ARG A 156 -6.82 5.77 -19.84
CA ARG A 156 -6.14 4.65 -19.21
C ARG A 156 -5.56 5.18 -17.92
N SER A 157 -5.28 4.27 -17.01
CA SER A 157 -4.65 4.60 -15.76
C SER A 157 -3.32 5.34 -15.97
N GLY A 158 -3.21 6.50 -15.37
CA GLY A 158 -1.95 7.21 -15.41
C GLY A 158 -2.08 8.47 -16.20
N ASN A 159 -3.13 8.51 -17.03
CA ASN A 159 -3.42 9.64 -17.90
C ASN A 159 -3.49 10.96 -17.15
N ARG A 160 -2.94 12.00 -17.79
CA ARG A 160 -2.93 13.34 -17.23
C ARG A 160 -3.96 14.16 -17.99
N ILE A 161 -5.01 14.60 -17.28
CA ILE A 161 -6.10 15.36 -17.89
C ILE A 161 -6.12 16.81 -17.40
N ILE A 162 -6.00 17.73 -18.35
CA ILE A 162 -5.92 19.14 -18.04
C ILE A 162 -7.12 19.86 -18.60
N MET A 163 -7.71 20.73 -17.79
CA MET A 163 -8.93 21.39 -18.23
C MET A 163 -8.77 22.89 -18.18
N GLY A 164 -9.10 23.57 -19.27
CA GLY A 164 -9.02 25.01 -19.33
C GLY A 164 -7.60 25.52 -19.19
N LYS A 165 -6.66 24.65 -19.54
CA LYS A 165 -5.23 24.89 -19.35
C LYS A 165 -4.94 25.46 -17.97
N SER A 166 -5.59 24.86 -16.96
CA SER A 166 -5.42 25.25 -15.56
C SER A 166 -5.55 24.09 -14.58
N HIS A 167 -6.60 23.29 -14.74
CA HIS A 167 -6.87 22.23 -13.80
C HIS A 167 -6.25 20.93 -14.22
N VAL A 168 -5.42 20.39 -13.34
CA VAL A 168 -4.74 19.14 -13.57
C VAL A 168 -5.26 18.01 -12.69
N PHE A 169 -5.67 16.92 -13.33
CA PHE A 169 -6.08 15.71 -12.65
C PHE A 169 -5.34 14.50 -13.23
N ARG A 170 -4.96 13.57 -12.36
CA ARG A 170 -4.48 12.26 -12.77
C ARG A 170 -5.61 11.22 -12.71
N PHE A 171 -5.80 10.50 -13.80
CA PHE A 171 -6.90 9.57 -13.92
C PHE A 171 -6.36 8.22 -13.58
N ASN A 172 -6.95 7.57 -12.59
CA ASN A 172 -6.57 6.22 -12.23
C ASN A 172 -7.70 5.24 -12.50
N HIS A 173 -7.33 4.03 -12.90
CA HIS A 173 -8.29 2.96 -13.13
C HIS A 173 -7.65 1.72 -12.52
N PRO A 174 -7.77 1.58 -11.20
CA PRO A 174 -7.00 0.54 -10.50
C PRO A 174 -7.33 -0.85 -10.99
N GLU A 175 -8.47 -1.03 -11.67
CA GLU A 175 -8.90 -2.35 -12.14
C GLU A 175 -8.44 -2.65 -13.57
N GLN A 176 -8.25 -1.58 -14.35
CA GLN A 176 -7.59 -1.66 -15.64
C GLN A 176 -6.10 -1.94 -15.49
N ALA A 177 -5.50 -1.34 -14.45
CA ALA A 177 -4.07 -1.51 -14.16
C ALA A 177 -3.69 -2.95 -13.79
N ARG A 178 -4.58 -3.61 -13.04
CA ARG A 178 -4.34 -5.02 -12.67
C ARG A 178 -4.38 -5.91 -13.89
N GLN A 179 -5.39 -5.70 -14.74
CA GLN A 179 -5.48 -6.40 -16.03
C GLN A 179 -4.11 -6.50 -16.71
N GLU A 180 -3.25 -5.52 -16.44
CA GLU A 180 -1.86 -5.52 -16.91
C GLU A 180 -0.88 -5.26 -15.76
N GLY B 3 -16.90 -10.12 70.32
CA GLY B 3 -16.53 -9.10 69.28
C GLY B 3 -17.39 -7.86 69.39
N SER B 4 -16.96 -6.93 70.23
CA SER B 4 -17.71 -5.69 70.48
C SER B 4 -17.63 -4.71 69.29
N GLU B 5 -16.84 -5.08 68.29
CA GLU B 5 -16.54 -4.17 67.19
C GLU B 5 -17.38 -4.43 65.95
N PHE B 6 -17.95 -5.63 65.86
CA PHE B 6 -18.75 -6.12 64.74
C PHE B 6 -19.68 -5.11 64.10
N SER B 7 -20.42 -4.40 64.95
CA SER B 7 -21.42 -3.43 64.50
C SER B 7 -20.79 -2.26 63.75
N GLU B 8 -19.69 -1.73 64.28
CA GLU B 8 -18.96 -0.71 63.58
C GLU B 8 -18.31 -1.32 62.35
N GLU B 9 -17.78 -2.54 62.51
CA GLU B 9 -17.07 -3.22 61.44
C GLU B 9 -17.96 -3.36 60.19
N ALA B 10 -19.20 -3.78 60.42
CA ALA B 10 -20.21 -3.92 59.39
C ALA B 10 -20.61 -2.60 58.74
N ILE B 11 -20.92 -1.62 59.59
CA ILE B 11 -21.44 -0.33 59.16
C ILE B 11 -20.46 0.44 58.27
N GLU B 12 -19.18 0.36 58.60
CA GLU B 12 -18.11 0.99 57.83
C GLU B 12 -18.04 0.44 56.41
N ARG B 13 -18.05 -0.89 56.28
CA ARG B 13 -18.03 -1.57 54.99
C ARG B 13 -19.18 -1.16 54.09
N LEU B 14 -20.39 -1.04 54.67
CA LEU B 14 -21.56 -0.58 53.95
C LEU B 14 -21.40 0.85 53.49
N LYS B 15 -20.89 1.73 54.37
CA LYS B 15 -20.65 3.13 54.01
C LYS B 15 -19.69 3.19 52.83
N GLU B 16 -18.54 2.53 52.98
CA GLU B 16 -17.58 2.38 51.89
C GLU B 16 -18.29 1.94 50.63
N THR B 17 -19.13 0.92 50.77
CA THR B 17 -19.84 0.27 49.66
C THR B 17 -20.85 1.19 49.01
N GLU B 18 -21.44 2.10 49.79
CA GLU B 18 -22.34 3.09 49.23
C GLU B 18 -21.59 4.08 48.32
N LYS B 19 -20.40 4.48 48.78
CA LYS B 19 -19.48 5.30 48.00
C LYS B 19 -19.02 4.62 46.72
N ILE B 20 -18.59 3.37 46.87
CA ILE B 20 -18.13 2.59 45.73
C ILE B 20 -19.15 2.51 44.59
N ILE B 21 -20.42 2.32 44.93
CA ILE B 21 -21.43 2.10 43.91
C ILE B 21 -21.65 3.38 43.08
N ALA B 22 -21.63 4.54 43.75
CA ALA B 22 -21.76 5.86 43.10
C ALA B 22 -20.56 6.17 42.23
N GLU B 23 -19.43 5.56 42.56
CA GLU B 23 -18.20 5.69 41.79
C GLU B 23 -18.18 4.71 40.64
N LEU B 24 -18.76 3.54 40.87
CA LEU B 24 -18.96 2.56 39.81
C LEU B 24 -19.99 3.08 38.80
N ASN B 25 -20.98 3.84 39.29
CA ASN B 25 -21.96 4.38 38.38
C ASN B 25 -21.44 5.54 37.55
N GLU B 26 -20.53 6.32 38.12
CA GLU B 26 -19.86 7.35 37.36
C GLU B 26 -18.97 6.76 36.25
N THR B 27 -18.18 5.73 36.58
CA THR B 27 -17.29 5.12 35.58
C THR B 27 -18.04 4.77 34.30
N TRP B 28 -19.25 4.26 34.43
CA TRP B 28 -20.05 3.97 33.26
C TRP B 28 -20.59 5.22 32.57
N GLU B 29 -21.07 6.18 33.36
CA GLU B 29 -21.59 7.43 32.81
C GLU B 29 -20.52 8.19 32.05
N GLU B 30 -19.28 8.02 32.52
CA GLU B 30 -18.10 8.55 31.85
C GLU B 30 -17.85 7.85 30.51
N LYS B 31 -17.90 6.51 30.53
CA LYS B 31 -17.70 5.70 29.33
C LYS B 31 -18.67 6.11 28.24
N LEU B 32 -19.96 5.98 28.53
CA LEU B 32 -21.03 6.30 27.61
C LEU B 32 -20.91 7.70 27.02
N ARG B 33 -20.35 8.63 27.81
CA ARG B 33 -20.25 10.04 27.45
C ARG B 33 -19.21 10.32 26.34
N ARG B 34 -17.98 9.82 26.51
CA ARG B 34 -16.98 9.86 25.45
C ARG B 34 -17.51 9.14 24.23
N THR B 35 -17.92 7.88 24.46
CA THR B 35 -18.49 6.99 23.46
C THR B 35 -19.51 7.66 22.53
N GLU B 36 -20.40 8.47 23.12
CA GLU B 36 -21.31 9.30 22.35
C GLU B 36 -20.57 10.43 21.63
N ALA B 37 -19.56 11.01 22.28
CA ALA B 37 -18.79 12.14 21.72
C ALA B 37 -17.88 11.72 20.56
N ILE B 38 -17.50 10.45 20.53
CA ILE B 38 -16.81 9.89 19.37
C ILE B 38 -17.80 9.80 18.21
N ARG B 39 -19.05 9.47 18.53
CA ARG B 39 -20.14 9.44 17.56
C ARG B 39 -20.60 10.86 17.20
N MET B 40 -20.27 11.83 18.06
CA MET B 40 -20.36 13.25 17.69
C MET B 40 -19.30 13.56 16.62
N GLU B 41 -18.08 13.06 16.81
CA GLU B 41 -17.02 13.22 15.81
C GLU B 41 -17.20 12.35 14.55
N ARG B 42 -17.71 11.14 14.71
CA ARG B 42 -17.96 10.24 13.58
C ARG B 42 -19.18 10.63 12.76
N GLU B 43 -20.10 11.38 13.35
CA GLU B 43 -21.18 12.02 12.60
C GLU B 43 -20.62 13.13 11.69
N ALA B 44 -19.63 13.86 12.22
CA ALA B 44 -19.02 15.00 11.55
C ALA B 44 -18.26 14.60 10.27
N LEU B 45 -17.34 13.63 10.39
CA LEU B 45 -16.54 13.19 9.26
C LEU B 45 -17.38 12.74 8.07
N LEU B 46 -18.51 12.08 8.36
CA LEU B 46 -19.45 11.62 7.34
C LEU B 46 -19.86 12.72 6.35
N ALA B 47 -19.78 13.96 6.82
CA ALA B 47 -20.04 15.14 6.00
C ALA B 47 -19.36 16.35 6.62
N GLU B 48 -18.02 16.31 6.70
CA GLU B 48 -17.27 17.42 7.31
C GLU B 48 -16.43 18.18 6.29
N MET B 49 -15.36 17.54 5.81
CA MET B 49 -14.67 18.05 4.63
C MET B 49 -15.70 18.06 3.50
N GLY B 50 -16.46 16.96 3.41
CA GLY B 50 -17.66 16.95 2.59
C GLY B 50 -17.66 15.96 1.45
N VAL B 51 -18.87 15.71 0.93
CA VAL B 51 -19.04 14.76 -0.15
C VAL B 51 -19.76 15.45 -1.30
N ALA B 52 -19.15 15.36 -2.48
CA ALA B 52 -19.83 15.75 -3.68
C ALA B 52 -20.87 14.68 -3.96
N MET B 53 -21.89 15.05 -4.72
CA MET B 53 -22.92 14.11 -5.11
C MET B 53 -23.23 14.29 -6.57
N ARG B 54 -23.39 13.18 -7.27
CA ARG B 54 -23.79 13.18 -8.67
C ARG B 54 -25.31 13.41 -8.76
N GLU B 55 -25.76 13.94 -9.90
CA GLU B 55 -27.16 14.23 -10.11
C GLU B 55 -28.10 13.06 -9.80
N ASP B 56 -27.67 11.84 -10.11
CA ASP B 56 -28.47 10.65 -9.78
C ASP B 56 -28.26 10.19 -8.30
N GLY B 57 -27.68 11.08 -7.50
CA GLY B 57 -27.48 10.81 -6.09
C GLY B 57 -26.25 9.99 -5.75
N GLY B 58 -25.33 9.84 -6.71
CA GLY B 58 -24.10 9.07 -6.48
C GLY B 58 -23.13 9.77 -5.55
N THR B 59 -22.37 9.00 -4.79
CA THR B 59 -21.23 9.54 -4.07
C THR B 59 -20.27 9.97 -5.15
N LEU B 60 -19.78 11.20 -5.06
CA LEU B 60 -18.96 11.70 -6.15
C LEU B 60 -17.54 12.07 -5.76
N GLY B 61 -17.31 12.52 -4.54
CA GLY B 61 -15.99 13.05 -4.24
C GLY B 61 -15.60 13.21 -2.79
N VAL B 62 -14.43 13.80 -2.56
CA VAL B 62 -14.01 14.14 -1.23
C VAL B 62 -13.26 15.45 -1.27
N PHE B 63 -13.75 16.44 -0.53
CA PHE B 63 -12.99 17.64 -0.35
C PHE B 63 -11.96 17.34 0.73
N SER B 64 -10.82 18.01 0.66
CA SER B 64 -9.83 17.93 1.74
C SER B 64 -10.32 18.82 2.86
N PRO B 65 -9.95 18.50 4.11
CA PRO B 65 -10.41 19.26 5.27
C PRO B 65 -10.18 20.75 5.07
N LYS B 66 -11.07 21.56 5.63
CA LYS B 66 -11.04 23.00 5.35
C LYS B 66 -10.34 23.80 6.45
N LYS B 67 -10.12 23.18 7.60
CA LYS B 67 -9.53 23.86 8.76
C LYS B 67 -8.36 23.10 9.37
N THR B 68 -8.48 21.77 9.48
CA THR B 68 -7.44 20.97 10.10
C THR B 68 -6.29 20.60 9.12
N PRO B 69 -5.04 20.71 9.60
CA PRO B 69 -3.86 20.45 8.77
C PRO B 69 -3.80 19.01 8.32
N HIS B 70 -3.24 18.76 7.15
CA HIS B 70 -3.15 17.39 6.62
C HIS B 70 -1.99 17.07 5.67
N LEU B 71 -1.95 15.82 5.27
CA LEU B 71 -0.98 15.37 4.30
C LEU B 71 -1.69 14.70 3.13
N VAL B 72 -1.41 15.18 1.92
CA VAL B 72 -1.80 14.49 0.69
C VAL B 72 -0.63 13.62 0.22
N ASN B 73 -0.94 12.41 -0.19
CA ASN B 73 0.05 11.52 -0.77
C ASN B 73 0.36 11.90 -2.23
N LEU B 74 1.64 11.93 -2.56
CA LEU B 74 2.03 12.37 -3.90
C LEU B 74 2.36 11.22 -4.83
N ASN B 75 2.52 10.02 -4.27
CA ASN B 75 2.84 8.83 -5.09
C ASN B 75 1.83 8.63 -6.22
N GLU B 76 2.31 8.19 -7.37
CA GLU B 76 1.51 8.25 -8.61
C GLU B 76 0.40 7.20 -8.75
N ASP B 77 0.68 5.94 -8.41
CA ASP B 77 -0.30 4.87 -8.65
C ASP B 77 -1.34 4.74 -7.53
N PRO B 78 -2.55 4.26 -7.86
CA PRO B 78 -3.61 4.03 -6.86
C PRO B 78 -3.28 2.92 -5.87
N LEU B 79 -2.35 2.04 -6.25
CA LEU B 79 -1.99 0.82 -5.52
C LEU B 79 -1.67 0.98 -4.03
N MET B 80 -1.70 2.24 -3.57
CA MET B 80 -1.41 2.59 -2.17
C MET B 80 -2.20 1.83 -1.09
N SER B 81 -1.53 0.90 -0.42
CA SER B 81 -2.03 0.34 0.84
C SER B 81 -2.09 1.50 1.84
N GLU B 82 -1.40 2.57 1.47
CA GLU B 82 -1.40 3.82 2.21
C GLU B 82 -2.66 4.63 1.88
N CYS B 83 -2.95 5.59 2.73
CA CYS B 83 -4.03 6.52 2.47
C CYS B 83 -3.58 7.59 1.51
N LEU B 84 -4.53 8.06 0.71
CA LEU B 84 -4.36 9.22 -0.15
C LEU B 84 -4.21 10.48 0.71
N LEU B 85 -4.95 10.52 1.81
CA LEU B 85 -4.92 11.66 2.71
C LEU B 85 -4.74 11.18 4.15
N TYR B 86 -3.81 11.80 4.88
CA TYR B 86 -3.68 11.57 6.32
C TYR B 86 -3.99 12.81 7.13
N TYR B 87 -4.45 12.60 8.34
CA TYR B 87 -4.76 13.70 9.24
C TYR B 87 -3.62 13.95 10.21
N ILE B 88 -3.22 15.22 10.31
CA ILE B 88 -2.44 15.73 11.42
C ILE B 88 -3.47 16.27 12.37
N LYS B 89 -3.90 15.45 13.31
CA LYS B 89 -4.83 15.92 14.31
C LYS B 89 -4.03 16.64 15.39
N ASP B 90 -4.65 17.62 16.04
CA ASP B 90 -3.98 18.30 17.13
C ASP B 90 -3.51 17.27 18.14
N GLY B 91 -2.42 17.60 18.84
CA GLY B 91 -1.74 16.64 19.69
C GLY B 91 -0.58 16.03 18.90
N ILE B 92 -0.22 14.80 19.24
CA ILE B 92 0.92 14.16 18.60
C ILE B 92 0.46 13.11 17.59
N THR B 93 1.11 13.11 16.42
CA THR B 93 0.91 12.10 15.40
C THR B 93 2.22 11.34 15.18
N ARG B 94 2.20 10.02 15.35
CA ARG B 94 3.41 9.19 15.25
C ARG B 94 3.50 8.34 13.97
N VAL B 95 4.65 8.42 13.31
CA VAL B 95 4.82 7.85 11.98
C VAL B 95 5.91 6.79 11.98
N GLY B 96 5.63 5.63 11.41
CA GLY B 96 6.62 4.57 11.38
C GLY B 96 6.08 3.21 11.01
N ARG B 97 6.73 2.18 11.53
CA ARG B 97 6.46 0.83 11.11
C ARG B 97 5.40 0.08 11.92
N GLU B 98 5.02 -1.09 11.39
CA GLU B 98 3.89 -1.90 11.86
C GLU B 98 4.11 -2.54 13.23
N ASP B 99 5.36 -2.96 13.49
CA ASP B 99 5.67 -3.81 14.65
C ASP B 99 4.77 -3.58 15.88
N GLY B 100 4.84 -2.38 16.48
CA GLY B 100 4.00 -2.05 17.61
C GLY B 100 4.69 -2.15 18.96
N GLU B 101 6.01 -1.89 18.96
CA GLU B 101 6.77 -1.73 20.19
C GLU B 101 6.36 -0.41 20.85
N ARG B 102 6.04 0.56 20.00
CA ARG B 102 5.28 1.73 20.39
C ARG B 102 4.41 2.03 19.18
N ARG B 103 3.11 2.20 19.41
CA ARG B 103 2.12 2.20 18.33
C ARG B 103 2.17 3.47 17.46
N GLN B 104 2.11 3.25 16.15
CA GLN B 104 2.21 4.37 15.23
C GLN B 104 0.81 4.76 14.81
N ASP B 105 0.66 6.00 14.35
CA ASP B 105 -0.61 6.54 13.89
C ASP B 105 -0.65 6.43 12.39
N ILE B 106 0.52 6.55 11.79
CA ILE B 106 0.66 6.44 10.35
C ILE B 106 1.75 5.43 10.04
N VAL B 107 1.34 4.20 9.73
CA VAL B 107 2.31 3.13 9.50
C VAL B 107 2.59 3.03 8.02
N LEU B 108 3.86 3.08 7.66
CA LEU B 108 4.25 3.04 6.24
C LEU B 108 5.05 1.81 5.93
N SER B 109 5.07 1.45 4.65
CA SER B 109 5.96 0.43 4.11
C SER B 109 7.33 1.01 3.79
N GLY B 110 8.31 0.16 3.54
CA GLY B 110 9.59 0.67 3.08
C GLY B 110 10.79 0.10 3.78
N HIS B 111 11.87 -0.05 3.01
CA HIS B 111 13.15 -0.47 3.56
C HIS B 111 13.77 0.60 4.46
N PHE B 112 13.36 1.86 4.24
CA PHE B 112 13.99 3.03 4.88
C PHE B 112 13.09 3.77 5.86
N ILE B 113 11.93 3.19 6.16
CA ILE B 113 11.12 3.75 7.22
C ILE B 113 11.51 3.06 8.51
N LYS B 114 11.91 3.82 9.53
CA LYS B 114 12.30 3.24 10.82
C LYS B 114 11.10 2.92 11.68
N GLU B 115 11.31 2.00 12.62
CA GLU B 115 10.30 1.57 13.59
C GLU B 115 9.50 2.77 14.05
N GLU B 116 10.20 3.75 14.63
CA GLU B 116 9.69 5.10 14.82
C GLU B 116 10.40 6.03 13.84
N HIS B 117 9.65 6.73 13.00
CA HIS B 117 10.28 7.51 11.93
C HIS B 117 10.32 9.01 12.21
N CYS B 118 9.16 9.61 12.41
CA CYS B 118 9.08 11.00 12.84
C CYS B 118 7.72 11.23 13.47
N VAL B 119 7.61 12.31 14.24
CA VAL B 119 6.35 12.68 14.87
C VAL B 119 5.94 14.08 14.43
N PHE B 120 4.64 14.25 14.23
CA PHE B 120 4.07 15.58 14.09
C PHE B 120 3.53 15.96 15.44
N ARG B 121 3.80 17.19 15.83
CA ARG B 121 3.19 17.75 17.01
C ARG B 121 2.26 18.85 16.50
N SER B 122 1.09 18.98 17.09
CA SER B 122 0.15 20.00 16.66
C SER B 122 -0.41 20.71 17.86
N ASP B 123 -0.25 22.03 17.91
CA ASP B 123 -0.70 22.79 19.07
C ASP B 123 -1.43 24.08 18.75
N SER B 124 -2.66 24.19 19.26
CA SER B 124 -3.42 25.43 19.25
C SER B 124 -3.55 25.97 20.67
N ARG B 125 -2.43 26.22 21.33
CA ARG B 125 -2.47 26.77 22.70
C ARG B 125 -3.21 28.12 22.72
N GLY B 126 -2.95 28.94 21.70
CA GLY B 126 -3.55 30.27 21.57
C GLY B 126 -5.06 30.29 21.42
N GLY B 127 -5.61 29.23 20.84
CA GLY B 127 -7.02 29.20 20.47
C GLY B 127 -7.14 29.58 19.00
N SER B 128 -6.04 30.06 18.44
CA SER B 128 -5.98 30.44 17.04
C SER B 128 -5.50 29.28 16.20
N GLU B 129 -4.86 29.59 15.09
CA GLU B 129 -4.40 28.59 14.15
C GLU B 129 -3.44 27.57 14.77
N ALA B 130 -3.65 26.29 14.44
CA ALA B 130 -2.78 25.22 14.89
C ALA B 130 -1.35 25.43 14.41
N VAL B 131 -0.39 25.15 15.30
CA VAL B 131 1.03 25.17 14.96
C VAL B 131 1.60 23.74 14.92
N VAL B 132 2.06 23.35 13.73
CA VAL B 132 2.52 22.01 13.42
C VAL B 132 4.05 21.93 13.22
N THR B 133 4.71 21.24 14.14
CA THR B 133 6.14 20.93 13.97
C THR B 133 6.39 19.52 13.42
N LEU B 134 7.43 19.40 12.60
CA LEU B 134 7.94 18.10 12.23
C LEU B 134 9.17 17.79 13.10
N GLU B 135 9.03 16.83 14.01
CA GLU B 135 10.16 16.39 14.84
C GLU B 135 10.65 15.07 14.27
N PRO B 136 11.81 15.08 13.59
CA PRO B 136 12.36 13.85 13.04
C PRO B 136 13.06 13.04 14.13
N CYS B 137 13.02 11.73 13.98
CA CYS B 137 13.70 10.83 14.90
C CYS B 137 15.13 10.50 14.47
N GLU B 138 15.92 10.06 15.46
CA GLU B 138 17.31 9.72 15.22
C GLU B 138 17.45 8.51 14.29
N GLY B 139 18.23 8.69 13.24
CA GLY B 139 18.51 7.63 12.28
C GLY B 139 17.53 7.63 11.12
N ALA B 140 16.46 8.41 11.25
CA ALA B 140 15.40 8.41 10.27
C ALA B 140 15.57 9.57 9.29
N ASP B 141 15.53 9.26 8.00
CA ASP B 141 15.67 10.28 6.98
C ASP B 141 14.33 10.86 6.61
N THR B 142 14.23 12.16 6.79
CA THR B 142 13.04 12.90 6.41
C THR B 142 13.48 14.19 5.79
N TYR B 143 12.84 14.53 4.68
CA TYR B 143 13.22 15.69 3.91
C TYR B 143 12.04 16.62 3.71
N VAL B 144 12.22 17.85 4.13
CA VAL B 144 11.26 18.87 3.84
C VAL B 144 11.83 19.75 2.75
N ASN B 145 11.13 19.80 1.62
CA ASN B 145 11.52 20.61 0.48
C ASN B 145 12.93 20.31 -0.04
N GLY B 146 13.30 19.03 0.03
CA GLY B 146 14.58 18.57 -0.46
C GLY B 146 15.69 18.67 0.56
N LYS B 147 15.39 19.29 1.71
CA LYS B 147 16.38 19.46 2.77
C LYS B 147 16.19 18.42 3.84
N LYS B 148 17.28 17.73 4.19
CA LYS B 148 17.30 16.84 5.34
C LYS B 148 17.04 17.62 6.61
N VAL B 149 16.07 17.16 7.39
CA VAL B 149 15.79 17.74 8.69
C VAL B 149 16.20 16.75 9.77
N THR B 150 16.75 17.28 10.86
CA THR B 150 17.25 16.48 11.99
C THR B 150 16.77 17.08 13.31
N GLU B 151 16.18 18.27 13.22
CA GLU B 151 15.69 18.99 14.39
C GLU B 151 14.31 19.54 14.09
N PRO B 152 13.41 19.56 15.09
CA PRO B 152 12.05 20.07 14.97
C PRO B 152 11.91 21.42 14.23
N SER B 153 10.95 21.47 13.31
CA SER B 153 10.73 22.66 12.51
C SER B 153 9.25 22.89 12.25
N ILE B 154 8.88 24.15 12.11
CA ILE B 154 7.50 24.55 11.84
C ILE B 154 7.18 24.29 10.37
N LEU B 155 6.15 23.48 10.11
CA LEU B 155 5.72 23.18 8.76
C LEU B 155 4.76 24.22 8.23
N ARG B 156 4.89 24.57 6.96
CA ARG B 156 4.01 25.57 6.33
C ARG B 156 3.21 24.91 5.23
N SER B 157 2.08 25.50 4.90
CA SER B 157 1.27 25.02 3.78
C SER B 157 2.12 24.94 2.51
N GLY B 158 2.06 23.80 1.84
CA GLY B 158 2.83 23.56 0.62
C GLY B 158 4.14 22.78 0.76
N ASN B 159 4.67 22.66 1.98
CA ASN B 159 5.92 21.93 2.24
C ASN B 159 5.88 20.51 1.69
N ARG B 160 7.03 20.05 1.20
CA ARG B 160 7.10 18.73 0.58
C ARG B 160 7.97 17.85 1.46
N ILE B 161 7.40 16.74 1.91
CA ILE B 161 8.00 15.91 2.93
C ILE B 161 8.27 14.55 2.39
N ILE B 162 9.53 14.14 2.43
CA ILE B 162 9.90 12.83 1.93
C ILE B 162 10.37 12.01 3.09
N MET B 163 9.79 10.82 3.24
CA MET B 163 10.18 9.91 4.32
C MET B 163 10.81 8.66 3.78
N GLY B 164 11.95 8.28 4.35
CA GLY B 164 12.73 7.18 3.81
C GLY B 164 13.05 7.47 2.36
N LYS B 165 12.88 6.48 1.50
CA LYS B 165 13.09 6.68 0.08
C LYS B 165 11.78 6.58 -0.71
N SER B 166 10.69 6.24 -0.03
CA SER B 166 9.49 5.73 -0.71
C SER B 166 8.19 6.51 -0.46
N HIS B 167 8.26 7.62 0.25
CA HIS B 167 7.03 8.36 0.54
C HIS B 167 7.26 9.84 0.41
N VAL B 168 6.38 10.48 -0.35
CA VAL B 168 6.47 11.90 -0.65
C VAL B 168 5.10 12.51 -0.42
N PHE B 169 5.09 13.67 0.23
CA PHE B 169 3.87 14.26 0.72
C PHE B 169 3.84 15.77 0.53
N ARG B 170 2.64 16.28 0.32
CA ARG B 170 2.39 17.69 0.42
C ARG B 170 1.72 17.97 1.78
N PHE B 171 2.36 18.83 2.58
CA PHE B 171 1.75 19.31 3.82
C PHE B 171 0.88 20.53 3.54
N ASN B 172 -0.38 20.45 3.95
CA ASN B 172 -1.33 21.54 3.73
C ASN B 172 -1.93 21.99 5.04
N HIS B 173 -2.01 23.30 5.23
CA HIS B 173 -2.46 23.86 6.49
C HIS B 173 -3.49 24.93 6.16
N PRO B 174 -4.72 24.52 5.85
CA PRO B 174 -5.70 25.43 5.26
C PRO B 174 -5.92 26.72 6.06
N GLU B 175 -6.06 26.60 7.38
CA GLU B 175 -6.33 27.79 8.21
C GLU B 175 -5.12 28.72 8.30
N GLN B 176 -3.92 28.14 8.32
CA GLN B 176 -2.68 28.92 8.28
C GLN B 176 -2.59 29.72 6.98
N ALA B 177 -2.92 29.07 5.86
CA ALA B 177 -2.92 29.73 4.55
C ALA B 177 -4.06 30.71 4.42
N ARG B 178 -5.17 30.44 5.11
CA ARG B 178 -6.28 31.39 5.09
C ARG B 178 -5.83 32.72 5.71
N GLN B 179 -5.01 32.65 6.76
CA GLN B 179 -4.55 33.84 7.46
C GLN B 179 -3.43 34.58 6.73
N GLU B 180 -2.40 33.87 6.30
CA GLU B 180 -1.22 34.50 5.68
C GLU B 180 -1.48 35.04 4.27
N ARG B 181 -2.54 34.56 3.62
CA ARG B 181 -2.86 34.97 2.25
C ARG B 181 -4.02 35.96 2.19
N GLU B 182 -4.85 35.97 3.24
CA GLU B 182 -5.96 36.91 3.32
C GLU B 182 -5.89 37.77 4.58
N GLY C 1 -45.43 -40.01 23.01
CA GLY C 1 -44.98 -39.47 24.34
C GLY C 1 -43.47 -39.29 24.40
N PRO C 2 -42.76 -40.29 24.99
CA PRO C 2 -41.30 -40.25 24.98
C PRO C 2 -40.77 -40.18 23.54
N GLY C 3 -41.39 -40.95 22.66
CA GLY C 3 -41.05 -40.97 21.23
C GLY C 3 -41.36 -39.68 20.49
N SER C 4 -42.48 -39.04 20.86
CA SER C 4 -42.89 -37.76 20.27
C SER C 4 -41.97 -36.65 20.69
N GLU C 5 -41.43 -36.79 21.90
CA GLU C 5 -40.42 -35.89 22.41
C GLU C 5 -39.11 -36.09 21.67
N PHE C 6 -38.71 -37.35 21.51
CA PHE C 6 -37.46 -37.70 20.85
C PHE C 6 -37.40 -37.22 19.41
N SER C 7 -38.54 -37.25 18.73
CA SER C 7 -38.60 -36.75 17.36
C SER C 7 -38.36 -35.24 17.34
N GLU C 8 -39.13 -34.52 18.16
CA GLU C 8 -39.00 -33.07 18.26
C GLU C 8 -37.57 -32.66 18.63
N GLU C 9 -37.00 -33.35 19.61
CA GLU C 9 -35.64 -33.13 20.07
C GLU C 9 -34.59 -33.42 19.00
N ALA C 10 -34.76 -34.54 18.28
CA ALA C 10 -33.87 -34.88 17.17
C ALA C 10 -33.96 -33.83 16.06
N ILE C 11 -35.17 -33.40 15.77
CA ILE C 11 -35.41 -32.47 14.66
C ILE C 11 -35.07 -30.98 14.94
N GLU C 12 -35.25 -30.50 16.17
CA GLU C 12 -34.79 -29.15 16.50
C GLU C 12 -33.26 -29.06 16.38
N ARG C 13 -32.57 -30.09 16.87
CA ARG C 13 -31.11 -30.17 16.82
C ARG C 13 -30.54 -30.24 15.40
N LEU C 14 -31.18 -31.00 14.52
CA LEU C 14 -30.75 -31.08 13.12
C LEU C 14 -30.86 -29.73 12.37
N LYS C 15 -31.97 -29.04 12.58
CA LYS C 15 -32.20 -27.74 11.97
C LYS C 15 -31.18 -26.73 12.47
N GLU C 16 -30.85 -26.82 13.75
CA GLU C 16 -29.84 -25.99 14.39
C GLU C 16 -28.44 -26.23 13.84
N THR C 17 -28.13 -27.50 13.53
CA THR C 17 -26.80 -27.87 13.06
C THR C 17 -26.66 -27.42 11.61
N GLU C 18 -27.78 -27.36 10.90
CA GLU C 18 -27.79 -26.88 9.53
C GLU C 18 -27.34 -25.44 9.45
N LYS C 19 -27.95 -24.60 10.28
CA LYS C 19 -27.57 -23.20 10.38
C LYS C 19 -26.16 -23.00 10.94
N ILE C 20 -25.75 -23.78 11.93
CA ILE C 20 -24.40 -23.67 12.50
C ILE C 20 -23.33 -24.02 11.47
N ILE C 21 -23.60 -25.06 10.66
CA ILE C 21 -22.67 -25.53 9.62
C ILE C 21 -22.45 -24.45 8.57
N ALA C 22 -23.54 -23.76 8.22
CA ALA C 22 -23.51 -22.63 7.28
C ALA C 22 -22.77 -21.41 7.85
N GLU C 23 -22.77 -21.27 9.15
CA GLU C 23 -22.06 -20.17 9.78
C GLU C 23 -20.59 -20.50 9.99
N LEU C 24 -20.28 -21.80 10.17
CA LEU C 24 -18.90 -22.26 10.22
C LEU C 24 -18.19 -22.07 8.88
N ASN C 25 -18.92 -22.32 7.80
CA ASN C 25 -18.41 -22.05 6.47
C ASN C 25 -18.19 -20.56 6.21
N GLU C 26 -19.16 -19.74 6.62
CA GLU C 26 -19.11 -18.29 6.45
C GLU C 26 -17.93 -17.66 7.19
N THR C 27 -17.80 -18.04 8.47
CA THR C 27 -16.70 -17.68 9.34
C THR C 27 -15.36 -17.91 8.65
N TRP C 28 -15.19 -19.12 8.11
CA TRP C 28 -13.98 -19.53 7.44
C TRP C 28 -13.74 -18.71 6.18
N GLU C 29 -14.80 -18.47 5.42
CA GLU C 29 -14.72 -17.62 4.23
C GLU C 29 -14.21 -16.19 4.54
N GLU C 30 -14.90 -15.50 5.46
CA GLU C 30 -14.46 -14.21 6.01
C GLU C 30 -13.04 -14.20 6.57
N LYS C 31 -12.54 -15.38 6.97
CA LYS C 31 -11.14 -15.54 7.37
C LYS C 31 -10.21 -15.49 6.16
N LEU C 32 -10.51 -16.29 5.13
CA LEU C 32 -9.75 -16.28 3.86
C LEU C 32 -9.77 -14.90 3.20
N ARG C 33 -10.93 -14.24 3.21
CA ARG C 33 -11.11 -12.91 2.60
C ARG C 33 -10.20 -11.86 3.23
N ARG C 34 -9.99 -11.97 4.54
CA ARG C 34 -9.13 -11.05 5.27
C ARG C 34 -7.67 -11.39 4.99
N THR C 35 -7.39 -12.69 4.91
CA THR C 35 -6.03 -13.17 4.72
C THR C 35 -5.53 -12.97 3.31
N GLU C 36 -6.40 -13.22 2.32
CA GLU C 36 -6.08 -12.99 0.91
C GLU C 36 -6.07 -11.50 0.55
N ALA C 37 -6.45 -10.65 1.51
CA ALA C 37 -6.45 -9.21 1.31
C ALA C 37 -5.14 -8.56 1.78
N ILE C 38 -4.64 -8.97 2.95
CA ILE C 38 -3.33 -8.51 3.42
C ILE C 38 -2.27 -8.99 2.43
N ARG C 39 -2.46 -10.21 1.91
CA ARG C 39 -1.66 -10.77 0.83
C ARG C 39 -1.76 -9.90 -0.43
N MET C 40 -2.97 -9.42 -0.72
CA MET C 40 -3.19 -8.55 -1.88
C MET C 40 -2.46 -7.20 -1.77
N GLU C 41 -2.56 -6.55 -0.62
CA GLU C 41 -1.93 -5.24 -0.41
C GLU C 41 -0.42 -5.34 -0.09
N ARG C 42 0.04 -6.56 0.20
CA ARG C 42 1.46 -6.85 0.35
C ARG C 42 2.04 -7.40 -0.95
N GLU C 43 1.19 -7.56 -1.96
CA GLU C 43 1.65 -7.89 -3.31
C GLU C 43 1.52 -6.67 -4.23
N ALA C 44 0.75 -5.69 -3.77
CA ALA C 44 0.61 -4.41 -4.45
C ALA C 44 1.95 -3.73 -4.57
N LEU C 45 2.69 -3.67 -3.46
CA LEU C 45 4.04 -3.13 -3.40
C LEU C 45 4.99 -3.89 -4.33
N LEU C 46 4.84 -5.21 -4.35
CA LEU C 46 5.71 -6.09 -5.12
C LEU C 46 5.56 -5.94 -6.62
N ALA C 47 4.32 -5.72 -7.08
CA ALA C 47 4.01 -5.77 -8.51
C ALA C 47 4.56 -4.56 -9.26
N GLU C 48 4.19 -3.36 -8.80
CA GLU C 48 4.63 -2.11 -9.41
C GLU C 48 6.14 -1.86 -9.23
N MET C 49 6.71 -2.46 -8.17
CA MET C 49 8.15 -2.39 -7.88
C MET C 49 8.98 -3.26 -8.86
N GLY C 50 8.31 -3.78 -9.89
CA GLY C 50 8.98 -4.60 -10.90
C GLY C 50 8.78 -6.09 -10.71
N VAL C 51 8.66 -6.54 -9.46
CA VAL C 51 8.68 -7.98 -9.16
C VAL C 51 7.66 -8.77 -10.01
N ALA C 52 8.14 -9.88 -10.57
CA ALA C 52 7.29 -10.87 -11.22
C ALA C 52 6.99 -11.99 -10.21
N MET C 53 5.82 -12.61 -10.37
CA MET C 53 5.35 -13.60 -9.40
C MET C 53 4.63 -14.73 -10.11
N ARG C 54 5.17 -15.96 -9.94
CA ARG C 54 4.65 -17.14 -10.64
C ARG C 54 3.20 -17.44 -10.28
N GLU C 55 2.47 -17.94 -11.30
CA GLU C 55 1.10 -18.44 -11.15
C GLU C 55 0.92 -19.39 -9.97
N ASP C 56 1.92 -20.25 -9.75
CA ASP C 56 1.96 -21.17 -8.62
C ASP C 56 1.88 -20.42 -7.28
N GLY C 57 2.58 -19.30 -7.19
CA GLY C 57 2.63 -18.51 -5.96
C GLY C 57 4.06 -18.20 -5.51
N GLY C 58 5.03 -18.76 -6.26
CA GLY C 58 6.45 -18.47 -6.04
C GLY C 58 6.89 -17.25 -6.84
N THR C 59 8.09 -16.76 -6.54
CA THR C 59 8.61 -15.56 -7.19
C THR C 59 9.77 -15.95 -8.10
N LEU C 60 9.74 -15.47 -9.35
CA LEU C 60 10.87 -15.72 -10.27
C LEU C 60 11.91 -14.60 -10.27
N GLY C 61 11.45 -13.36 -10.38
CA GLY C 61 12.36 -12.21 -10.33
C GLY C 61 11.79 -10.87 -10.70
N VAL C 62 12.69 -9.94 -11.01
CA VAL C 62 12.36 -8.59 -11.47
C VAL C 62 12.45 -8.50 -12.99
N PHE C 63 11.32 -8.47 -13.69
CA PHE C 63 11.43 -8.21 -15.13
C PHE C 63 11.81 -6.76 -15.37
N SER C 64 12.46 -6.52 -16.51
CA SER C 64 12.80 -5.19 -16.95
C SER C 64 11.56 -4.62 -17.63
N PRO C 65 11.33 -3.29 -17.49
CA PRO C 65 10.19 -2.58 -18.06
C PRO C 65 10.17 -2.64 -19.58
N LYS C 66 9.00 -2.89 -20.16
CA LYS C 66 8.88 -2.98 -21.62
C LYS C 66 8.16 -1.79 -22.25
N LYS C 67 7.65 -0.90 -21.41
CA LYS C 67 7.00 0.31 -21.89
C LYS C 67 7.70 1.58 -21.41
N THR C 68 8.66 1.44 -20.50
CA THR C 68 9.23 2.60 -19.83
C THR C 68 10.76 2.68 -19.88
N PRO C 69 11.29 3.83 -20.31
CA PRO C 69 12.71 4.08 -20.46
C PRO C 69 13.38 4.04 -19.11
N HIS C 70 14.51 3.36 -19.02
CA HIS C 70 15.12 3.03 -17.75
C HIS C 70 16.63 2.85 -17.89
N LEU C 71 17.31 2.80 -16.75
CA LEU C 71 18.75 2.60 -16.72
C LEU C 71 19.05 1.27 -16.05
N VAL C 72 20.06 0.56 -16.57
CA VAL C 72 20.53 -0.64 -15.90
C VAL C 72 21.88 -0.32 -15.29
N ASN C 73 21.97 -0.40 -13.97
CA ASN C 73 23.24 -0.20 -13.28
C ASN C 73 24.14 -1.43 -13.43
N LEU C 74 25.34 -1.19 -13.94
CA LEU C 74 26.20 -2.29 -14.33
C LEU C 74 27.28 -2.57 -13.28
N ASN C 75 27.20 -1.82 -12.18
CA ASN C 75 28.00 -2.03 -10.99
C ASN C 75 27.95 -3.50 -10.63
N GLU C 76 29.11 -4.04 -10.25
CA GLU C 76 29.19 -5.42 -9.81
C GLU C 76 29.25 -5.50 -8.29
N ASP C 77 29.28 -4.33 -7.65
CA ASP C 77 29.34 -4.23 -6.19
C ASP C 77 28.00 -4.58 -5.53
N PRO C 78 27.90 -5.79 -4.93
CA PRO C 78 26.63 -6.33 -4.44
C PRO C 78 26.06 -5.58 -3.21
N LEU C 79 26.85 -4.67 -2.66
CA LEU C 79 26.45 -3.87 -1.49
C LEU C 79 26.25 -2.39 -1.85
N MET C 80 26.19 -2.12 -3.14
CA MET C 80 25.95 -0.75 -3.62
C MET C 80 24.73 -0.09 -2.98
N SER C 81 24.84 1.21 -2.77
CA SER C 81 23.73 2.02 -2.27
C SER C 81 22.83 2.53 -3.39
N GLU C 82 23.35 2.54 -4.62
CA GLU C 82 22.55 2.87 -5.79
C GLU C 82 21.58 1.75 -6.09
N CYS C 83 20.48 2.11 -6.75
CA CYS C 83 19.51 1.15 -7.30
C CYS C 83 20.12 0.28 -8.40
N LEU C 84 19.46 -0.82 -8.72
CA LEU C 84 19.78 -1.67 -9.85
C LEU C 84 19.17 -1.10 -11.15
N LEU C 85 18.11 -0.33 -10.98
CA LEU C 85 17.27 0.03 -12.10
C LEU C 85 16.72 1.37 -11.79
N TYR C 86 16.91 2.33 -12.69
CA TYR C 86 16.23 3.59 -12.54
C TYR C 86 15.25 3.79 -13.68
N TYR C 87 14.04 4.25 -13.35
CA TYR C 87 13.06 4.63 -14.35
C TYR C 87 13.27 6.06 -14.73
N ILE C 88 13.30 6.30 -16.03
CA ILE C 88 13.32 7.66 -16.55
C ILE C 88 11.92 7.91 -17.06
N LYS C 89 11.17 8.61 -16.22
CA LYS C 89 9.79 8.90 -16.48
C LYS C 89 9.71 10.37 -16.87
N ASP C 90 8.50 10.76 -17.27
CA ASP C 90 8.20 12.08 -17.79
C ASP C 90 8.66 13.20 -16.88
N GLY C 91 9.10 14.30 -17.47
CA GLY C 91 9.68 15.41 -16.70
C GLY C 91 11.09 15.10 -16.20
N ILE C 92 11.52 15.88 -15.22
CA ILE C 92 12.93 15.92 -14.80
C ILE C 92 13.30 14.88 -13.75
N THR C 93 14.46 14.27 -13.93
CA THR C 93 15.04 13.29 -13.01
C THR C 93 16.51 13.65 -12.78
N ARG C 94 16.81 13.95 -11.52
CA ARG C 94 18.04 14.66 -11.17
C ARG C 94 19.06 13.72 -10.59
N VAL C 95 20.28 13.86 -11.06
CA VAL C 95 21.40 13.05 -10.60
C VAL C 95 22.30 13.98 -9.82
N GLY C 96 22.78 13.53 -8.67
CA GLY C 96 23.65 14.35 -7.84
C GLY C 96 24.36 13.57 -6.75
N ARG C 97 25.21 14.26 -6.01
CA ARG C 97 25.93 13.67 -4.89
C ARG C 97 24.95 13.07 -3.92
N GLU C 98 25.37 11.98 -3.29
CA GLU C 98 24.58 11.32 -2.27
C GLU C 98 24.15 12.32 -1.19
N ASP C 99 25.12 12.99 -0.56
CA ASP C 99 24.83 14.06 0.36
C ASP C 99 24.53 15.34 -0.44
N ARG C 103 18.99 17.49 -1.96
CA ARG C 103 18.66 16.11 -2.20
C ARG C 103 18.24 15.91 -3.65
N GLN C 104 18.98 15.06 -4.36
CA GLN C 104 18.71 14.81 -5.77
C GLN C 104 17.88 13.53 -5.97
N ASP C 105 17.17 13.48 -7.09
CA ASP C 105 16.34 12.34 -7.37
C ASP C 105 17.18 11.06 -7.38
N ILE C 106 18.22 11.03 -8.20
CA ILE C 106 19.14 9.89 -8.17
C ILE C 106 20.42 10.35 -7.48
N VAL C 107 20.68 9.76 -6.31
CA VAL C 107 21.90 10.03 -5.56
C VAL C 107 22.91 8.93 -5.82
N LEU C 108 24.12 9.34 -6.14
CA LEU C 108 25.20 8.42 -6.40
C LEU C 108 26.38 8.67 -5.47
N SER C 109 27.02 7.60 -5.02
CA SER C 109 28.20 7.72 -4.18
C SER C 109 29.42 7.84 -5.10
N GLY C 110 30.04 9.03 -5.07
CA GLY C 110 31.22 9.24 -5.87
C GLY C 110 31.99 10.51 -5.59
N HIS C 111 33.30 10.32 -5.43
CA HIS C 111 34.34 11.34 -5.45
C HIS C 111 34.25 12.33 -6.63
N PHE C 112 33.81 11.85 -7.79
CA PHE C 112 33.70 12.67 -9.01
C PHE C 112 32.26 13.08 -9.36
N ILE C 113 31.30 12.60 -8.60
CA ILE C 113 29.91 13.01 -8.80
C ILE C 113 29.70 14.37 -8.14
N LYS C 114 29.11 15.31 -8.91
CA LYS C 114 28.83 16.68 -8.46
C LYS C 114 27.49 16.81 -7.76
N GLU C 115 27.35 17.90 -7.01
CA GLU C 115 26.10 18.31 -6.36
C GLU C 115 24.93 18.25 -7.33
N GLU C 116 25.12 18.86 -8.49
CA GLU C 116 24.21 18.72 -9.62
C GLU C 116 24.96 18.09 -10.79
N HIS C 117 24.86 16.78 -10.92
CA HIS C 117 25.73 16.09 -11.87
C HIS C 117 25.18 16.11 -13.30
N CYS C 118 23.88 15.89 -13.43
CA CYS C 118 23.17 16.03 -14.71
C CYS C 118 21.67 15.80 -14.53
N VAL C 119 20.92 15.93 -15.63
CA VAL C 119 19.46 15.86 -15.58
C VAL C 119 18.87 15.10 -16.77
N PHE C 120 17.98 14.16 -16.47
CA PHE C 120 17.18 13.55 -17.50
C PHE C 120 15.90 14.34 -17.70
N ARG C 121 15.51 14.52 -18.95
CA ARG C 121 14.24 15.14 -19.28
C ARG C 121 13.57 14.30 -20.33
N SER C 122 12.34 13.90 -20.05
CA SER C 122 11.56 13.13 -20.99
C SER C 122 10.35 13.93 -21.49
N ASP C 123 10.22 14.04 -22.81
CA ASP C 123 9.13 14.75 -23.43
C ASP C 123 8.18 13.77 -24.10
N SER C 124 6.88 14.01 -23.88
CA SER C 124 5.83 13.08 -24.29
C SER C 124 5.14 13.40 -25.62
N ARG C 125 4.95 14.68 -25.93
CA ARG C 125 4.32 15.08 -27.19
C ARG C 125 2.88 14.56 -27.36
N SER C 128 3.74 11.66 -29.20
CA SER C 128 4.09 10.33 -29.70
C SER C 128 4.71 9.46 -28.59
N GLU C 129 5.90 8.91 -28.85
CA GLU C 129 6.68 8.21 -27.82
C GLU C 129 7.49 9.22 -27.03
N ALA C 130 8.07 8.78 -25.92
CA ALA C 130 8.89 9.68 -25.11
C ALA C 130 10.26 9.93 -25.77
N VAL C 131 10.64 11.20 -25.82
CA VAL C 131 11.98 11.60 -26.22
C VAL C 131 12.72 11.94 -24.94
N VAL C 132 13.74 11.17 -24.62
CA VAL C 132 14.54 11.42 -23.43
C VAL C 132 15.77 12.16 -23.87
N THR C 133 16.01 13.33 -23.27
CA THR C 133 17.23 14.09 -23.52
C THR C 133 18.05 14.08 -22.24
N LEU C 134 19.37 14.19 -22.36
CA LEU C 134 20.22 14.17 -21.18
C LEU C 134 20.99 15.47 -21.12
N GLU C 135 20.77 16.23 -20.05
CA GLU C 135 21.33 17.57 -19.94
C GLU C 135 22.36 17.66 -18.82
N PRO C 136 23.65 17.60 -19.17
CA PRO C 136 24.71 17.70 -18.18
C PRO C 136 24.71 19.09 -17.55
N CYS C 137 25.19 19.14 -16.31
CA CYS C 137 25.32 20.39 -15.60
C CYS C 137 26.79 20.76 -15.62
N GLU C 138 27.11 21.98 -15.20
CA GLU C 138 28.47 22.50 -15.34
C GLU C 138 29.51 21.71 -14.54
N GLY C 139 30.66 21.48 -15.17
CA GLY C 139 31.81 20.82 -14.55
C GLY C 139 31.64 19.33 -14.28
N ALA C 140 30.49 18.78 -14.65
CA ALA C 140 30.16 17.39 -14.40
C ALA C 140 30.50 16.53 -15.61
N ASP C 141 31.27 15.47 -15.36
CA ASP C 141 31.69 14.54 -16.39
C ASP C 141 30.64 13.45 -16.57
N THR C 142 30.01 13.42 -17.75
CA THR C 142 29.08 12.36 -18.11
C THR C 142 29.44 11.85 -19.50
N TYR C 143 29.50 10.53 -19.65
CA TYR C 143 29.96 9.95 -20.90
C TYR C 143 28.90 9.07 -21.58
N VAL C 144 28.57 9.41 -22.82
CA VAL C 144 27.59 8.68 -23.62
C VAL C 144 28.31 7.90 -24.69
N ASN C 145 28.25 6.57 -24.61
CA ASN C 145 29.08 5.69 -25.44
C ASN C 145 30.54 6.14 -25.48
N GLY C 146 31.05 6.59 -24.33
CA GLY C 146 32.45 6.94 -24.19
C GLY C 146 32.73 8.41 -24.45
N LYS C 147 31.89 9.05 -25.25
CA LYS C 147 32.06 10.47 -25.56
C LYS C 147 31.61 11.35 -24.39
N LYS C 148 32.41 12.37 -24.08
CA LYS C 148 32.05 13.37 -23.09
C LYS C 148 31.00 14.30 -23.65
N VAL C 149 29.83 14.32 -23.03
CA VAL C 149 28.76 15.23 -23.44
C VAL C 149 28.73 16.48 -22.59
N THR C 150 28.65 17.63 -23.27
CA THR C 150 28.56 18.94 -22.62
C THR C 150 27.30 19.64 -23.11
N GLU C 151 26.69 19.08 -24.14
CA GLU C 151 25.45 19.60 -24.67
C GLU C 151 24.33 18.64 -24.32
N PRO C 152 23.10 19.16 -24.17
CA PRO C 152 21.90 18.32 -24.08
C PRO C 152 21.72 17.44 -25.32
N SER C 153 21.59 16.13 -25.11
CA SER C 153 21.58 15.18 -26.23
C SER C 153 20.63 14.01 -26.07
N ILE C 154 19.91 13.71 -27.15
CA ILE C 154 19.00 12.58 -27.19
C ILE C 154 19.74 11.29 -26.87
N LEU C 155 19.21 10.55 -25.92
CA LEU C 155 19.73 9.25 -25.65
C LEU C 155 18.95 8.29 -26.53
N ARG C 156 19.62 7.24 -26.96
CA ARG C 156 19.02 6.23 -27.79
C ARG C 156 19.20 4.90 -27.08
N SER C 157 18.19 4.04 -27.19
CA SER C 157 18.22 2.72 -26.57
C SER C 157 19.56 2.04 -26.88
N GLY C 158 20.21 1.54 -25.83
CA GLY C 158 21.51 0.91 -25.96
C GLY C 158 22.69 1.77 -25.54
N ASN C 159 22.50 3.09 -25.49
CA ASN C 159 23.56 4.01 -25.08
C ASN C 159 24.16 3.62 -23.74
N ARG C 160 25.45 3.85 -23.58
CA ARG C 160 26.15 3.53 -22.35
C ARG C 160 26.52 4.81 -21.63
N ILE C 161 25.92 5.02 -20.47
CA ILE C 161 26.13 6.26 -19.74
C ILE C 161 27.09 6.02 -18.60
N ILE C 162 28.18 6.79 -18.58
CA ILE C 162 29.13 6.68 -17.50
C ILE C 162 29.25 7.98 -16.74
N MET C 163 28.48 8.09 -15.63
CA MET C 163 28.52 9.31 -14.83
C MET C 163 29.81 9.47 -14.05
N GLY C 164 30.30 10.71 -14.02
CA GLY C 164 31.55 11.05 -13.36
C GLY C 164 32.68 10.25 -14.00
N LYS C 165 33.09 9.21 -13.28
CA LYS C 165 34.16 8.32 -13.71
C LYS C 165 33.94 6.97 -13.00
N SER C 166 33.01 6.98 -12.03
CA SER C 166 32.83 5.86 -11.12
C SER C 166 31.47 5.14 -11.22
N HIS C 167 30.72 5.44 -12.27
CA HIS C 167 29.41 4.81 -12.46
C HIS C 167 29.16 4.44 -13.90
N VAL C 168 28.49 3.31 -14.11
CA VAL C 168 28.22 2.83 -15.48
C VAL C 168 26.78 2.33 -15.61
N PHE C 169 26.08 2.81 -16.65
CA PHE C 169 24.69 2.42 -16.90
C PHE C 169 24.41 2.12 -18.36
N ARG C 170 23.42 1.26 -18.58
CA ARG C 170 22.82 1.07 -19.88
C ARG C 170 21.42 1.69 -19.89
N PHE C 171 21.22 2.62 -20.82
CA PHE C 171 19.91 3.23 -20.98
C PHE C 171 19.13 2.48 -22.04
N ASN C 172 18.01 1.88 -21.65
CA ASN C 172 17.14 1.23 -22.61
C ASN C 172 15.79 1.92 -22.79
N HIS C 173 15.38 2.07 -24.05
CA HIS C 173 14.18 2.81 -24.36
C HIS C 173 13.20 1.95 -25.16
N PRO C 174 12.58 0.97 -24.48
CA PRO C 174 11.84 -0.11 -25.14
C PRO C 174 10.86 0.37 -26.22
N GLU C 175 10.12 1.43 -25.93
CA GLU C 175 9.10 1.94 -26.84
C GLU C 175 9.61 2.97 -27.86
N GLN C 176 10.92 3.22 -27.89
CA GLN C 176 11.50 4.17 -28.85
C GLN C 176 11.24 3.78 -30.32
N ALA C 177 11.00 4.81 -31.14
CA ALA C 177 10.67 4.65 -32.55
C ALA C 177 11.85 4.12 -33.35
N ARG C 178 11.56 3.29 -34.35
CA ARG C 178 12.59 2.66 -35.19
C ARG C 178 13.56 3.67 -35.81
N GLN C 179 13.17 4.94 -35.82
CA GLN C 179 13.97 6.05 -36.36
C GLN C 179 14.24 5.87 -37.86
N PRO D 2 -39.59 -52.42 9.26
CA PRO D 2 -38.16 -52.33 8.99
C PRO D 2 -37.53 -51.07 9.58
N GLY D 3 -38.33 -50.25 10.25
CA GLY D 3 -37.90 -48.96 10.80
C GLY D 3 -36.62 -49.00 11.64
N SER D 4 -36.16 -50.22 11.91
CA SER D 4 -34.89 -50.45 12.58
C SER D 4 -33.75 -50.09 11.63
N GLU D 5 -33.93 -50.43 10.36
CA GLU D 5 -32.96 -50.01 9.33
C GLU D 5 -32.92 -48.51 9.14
N PHE D 6 -34.09 -47.86 9.10
CA PHE D 6 -34.18 -46.39 9.04
C PHE D 6 -33.42 -45.73 10.18
N SER D 7 -33.50 -46.34 11.36
CA SER D 7 -32.79 -45.90 12.55
C SER D 7 -31.30 -45.90 12.30
N GLU D 8 -30.76 -47.04 11.88
CA GLU D 8 -29.34 -47.18 11.65
C GLU D 8 -28.92 -46.41 10.42
N GLU D 9 -29.83 -46.24 9.47
CA GLU D 9 -29.57 -45.38 8.32
C GLU D 9 -29.31 -43.95 8.78
N ALA D 10 -30.27 -43.42 9.54
CA ALA D 10 -30.22 -42.05 10.03
C ALA D 10 -28.94 -41.81 10.84
N ILE D 11 -28.64 -42.73 11.75
CA ILE D 11 -27.48 -42.60 12.61
C ILE D 11 -26.20 -42.46 11.75
N GLU D 12 -26.08 -43.31 10.73
CA GLU D 12 -24.95 -43.27 9.80
C GLU D 12 -24.85 -41.97 9.02
N ARG D 13 -26.00 -41.45 8.58
CA ARG D 13 -26.02 -40.14 7.92
C ARG D 13 -25.45 -39.03 8.80
N LEU D 14 -25.42 -39.26 10.10
CA LEU D 14 -24.85 -38.26 11.03
C LEU D 14 -23.35 -38.47 11.21
N LYS D 15 -22.93 -39.72 11.12
CA LYS D 15 -21.52 -40.14 11.16
C LYS D 15 -20.72 -39.56 10.00
N GLU D 16 -21.26 -39.72 8.78
CA GLU D 16 -20.71 -39.07 7.57
C GLU D 16 -20.64 -37.55 7.74
N THR D 17 -21.74 -36.95 8.20
CA THR D 17 -21.82 -35.51 8.39
C THR D 17 -20.73 -35.04 9.37
N GLU D 18 -20.48 -35.84 10.39
CA GLU D 18 -19.38 -35.61 11.32
C GLU D 18 -18.04 -35.55 10.57
N LYS D 19 -17.81 -36.56 9.72
CA LYS D 19 -16.55 -36.63 8.99
C LYS D 19 -16.49 -35.53 7.96
N ILE D 20 -17.64 -35.11 7.44
CA ILE D 20 -17.71 -34.04 6.45
C ILE D 20 -17.29 -32.73 7.12
N ILE D 21 -17.71 -32.54 8.37
CA ILE D 21 -17.31 -31.37 9.13
C ILE D 21 -15.80 -31.44 9.43
N ALA D 22 -15.25 -32.64 9.61
CA ALA D 22 -13.81 -32.80 9.68
C ALA D 22 -13.13 -32.49 8.32
N GLU D 23 -13.73 -32.91 7.21
CA GLU D 23 -13.23 -32.54 5.88
C GLU D 23 -13.27 -31.04 5.65
N LEU D 24 -14.37 -30.43 6.06
CA LEU D 24 -14.60 -29.00 5.91
C LEU D 24 -13.56 -28.17 6.68
N ASN D 25 -13.35 -28.52 7.94
CA ASN D 25 -12.36 -27.84 8.78
C ASN D 25 -10.91 -27.99 8.31
N GLU D 26 -10.59 -29.16 7.76
CA GLU D 26 -9.27 -29.42 7.19
C GLU D 26 -9.05 -28.74 5.82
N THR D 27 -10.11 -28.57 5.06
CA THR D 27 -10.05 -27.83 3.82
C THR D 27 -9.71 -26.37 4.04
N TRP D 28 -10.43 -25.73 4.96
CA TRP D 28 -10.24 -24.32 5.21
C TRP D 28 -8.91 -24.02 5.91
N GLU D 29 -8.41 -24.97 6.71
CA GLU D 29 -7.11 -24.80 7.36
C GLU D 29 -5.95 -24.77 6.40
N GLU D 30 -5.87 -25.77 5.52
CA GLU D 30 -4.75 -25.87 4.56
C GLU D 30 -4.71 -24.64 3.66
N LYS D 31 -5.90 -24.22 3.20
CA LYS D 31 -6.05 -23.08 2.32
C LYS D 31 -5.57 -21.78 2.98
N LEU D 32 -5.80 -21.68 4.28
CA LEU D 32 -5.42 -20.53 5.05
C LEU D 32 -3.93 -20.60 5.41
N ARG D 33 -3.46 -21.81 5.72
CA ARG D 33 -2.08 -22.05 6.11
C ARG D 33 -1.14 -21.67 4.97
N ARG D 34 -1.50 -22.07 3.74
CA ARG D 34 -0.70 -21.85 2.54
C ARG D 34 -0.70 -20.39 2.13
N THR D 35 -1.84 -19.73 2.35
CA THR D 35 -2.00 -18.31 2.08
C THR D 35 -1.33 -17.42 3.13
N GLU D 36 -1.21 -17.93 4.34
CA GLU D 36 -0.52 -17.21 5.41
C GLU D 36 0.98 -17.53 5.43
N ALA D 37 1.41 -18.38 4.51
CA ALA D 37 2.83 -18.69 4.33
C ALA D 37 3.35 -17.98 3.08
N ILE D 38 2.42 -17.69 2.17
CA ILE D 38 2.69 -16.83 1.01
C ILE D 38 2.75 -15.38 1.48
N ARG D 39 1.87 -15.03 2.43
CA ARG D 39 1.86 -13.70 3.04
C ARG D 39 3.23 -13.40 3.64
N MET D 40 3.78 -14.36 4.38
CA MET D 40 5.07 -14.20 5.02
C MET D 40 6.21 -14.18 3.99
N GLU D 41 6.12 -15.05 2.98
CA GLU D 41 7.12 -15.09 1.92
C GLU D 41 7.24 -13.73 1.26
N ARG D 42 6.14 -13.27 0.66
CA ARG D 42 6.06 -11.93 0.05
C ARG D 42 6.62 -10.83 0.96
N GLU D 43 6.20 -10.81 2.22
CA GLU D 43 6.66 -9.80 3.17
C GLU D 43 8.11 -9.98 3.62
N ALA D 44 8.65 -11.18 3.45
CA ALA D 44 10.07 -11.43 3.73
C ALA D 44 10.92 -10.96 2.56
N LEU D 45 10.31 -10.89 1.38
CA LEU D 45 10.92 -10.32 0.18
C LEU D 45 10.89 -8.80 0.24
N LEU D 46 9.83 -8.26 0.83
CA LEU D 46 9.59 -6.82 0.86
C LEU D 46 10.57 -6.11 1.77
N ALA D 47 10.85 -6.73 2.92
CA ALA D 47 11.88 -6.26 3.85
C ALA D 47 13.22 -6.17 3.15
N GLU D 48 13.29 -6.79 1.97
CA GLU D 48 14.54 -7.07 1.29
C GLU D 48 14.86 -6.14 0.11
N MET D 49 13.84 -5.53 -0.47
CA MET D 49 14.01 -4.66 -1.64
C MET D 49 13.33 -3.33 -1.47
N GLY D 50 14.10 -2.27 -1.30
CA GLY D 50 13.49 -0.94 -1.29
C GLY D 50 12.99 -0.46 -2.65
N VAL D 51 12.11 0.52 -2.63
CA VAL D 51 11.75 1.29 -3.82
C VAL D 51 12.15 2.75 -3.60
N ALA D 52 12.62 3.42 -4.64
CA ALA D 52 13.01 4.83 -4.52
C ALA D 52 12.03 5.73 -5.25
N MET D 53 11.84 6.93 -4.71
CA MET D 53 10.85 7.85 -5.21
C MET D 53 11.47 9.17 -5.64
N ARG D 54 10.90 9.73 -6.70
CA ARG D 54 11.26 11.03 -7.17
C ARG D 54 10.62 12.03 -6.23
N GLU D 55 11.19 13.23 -6.15
CA GLU D 55 10.68 14.31 -5.32
C GLU D 55 9.19 14.59 -5.60
N ASP D 56 8.80 14.48 -6.87
CA ASP D 56 7.44 14.78 -7.30
C ASP D 56 6.44 13.64 -7.06
N GLY D 57 6.96 12.48 -6.68
CA GLY D 57 6.14 11.31 -6.37
C GLY D 57 6.32 10.07 -7.25
N GLY D 58 7.04 10.19 -8.35
CA GLY D 58 7.16 9.09 -9.29
C GLY D 58 8.04 7.96 -8.79
N THR D 59 7.65 6.73 -9.10
CA THR D 59 8.55 5.63 -8.84
C THR D 59 9.81 6.03 -9.57
N LEU D 60 10.96 5.67 -9.03
CA LEU D 60 12.19 6.08 -9.64
C LEU D 60 13.13 4.89 -9.82
N GLY D 61 13.17 4.01 -8.81
CA GLY D 61 14.14 2.95 -8.82
C GLY D 61 13.86 1.77 -7.94
N VAL D 62 14.51 0.67 -8.26
CA VAL D 62 14.38 -0.55 -7.52
C VAL D 62 15.76 -1.07 -7.11
N PHE D 63 15.97 -1.18 -5.81
CA PHE D 63 17.22 -1.64 -5.25
C PHE D 63 17.31 -3.14 -5.43
N SER D 64 18.53 -3.65 -5.55
CA SER D 64 18.74 -5.11 -5.64
C SER D 64 18.53 -5.75 -4.27
N PRO D 65 17.89 -6.95 -4.22
CA PRO D 65 17.63 -7.69 -2.98
C PRO D 65 18.82 -7.73 -2.03
N LYS D 66 18.57 -7.45 -0.75
CA LYS D 66 19.65 -7.34 0.23
C LYS D 66 20.15 -8.67 0.79
N LYS D 67 19.31 -9.70 0.75
CA LYS D 67 19.65 -10.96 1.43
C LYS D 67 19.82 -12.16 0.49
N THR D 68 18.94 -12.31 -0.51
CA THR D 68 18.92 -13.56 -1.26
C THR D 68 19.83 -13.51 -2.47
N PRO D 69 20.62 -14.60 -2.66
CA PRO D 69 21.45 -14.79 -3.83
C PRO D 69 20.56 -14.61 -5.05
N HIS D 70 21.07 -13.95 -6.08
CA HIS D 70 20.27 -13.71 -7.26
C HIS D 70 21.10 -13.74 -8.53
N LEU D 71 20.43 -13.91 -9.67
CA LEU D 71 21.08 -13.85 -10.96
C LEU D 71 20.69 -12.54 -11.61
N VAL D 72 21.65 -11.73 -12.03
CA VAL D 72 21.34 -10.51 -12.81
C VAL D 72 21.69 -10.81 -14.26
N ASN D 73 20.76 -10.60 -15.18
CA ASN D 73 21.01 -10.88 -16.59
C ASN D 73 21.92 -9.87 -17.25
N LEU D 74 23.04 -10.34 -17.77
CA LEU D 74 24.05 -9.46 -18.32
C LEU D 74 23.80 -9.05 -19.77
N ASN D 75 23.01 -9.86 -20.48
CA ASN D 75 22.71 -9.64 -21.90
C ASN D 75 22.37 -8.21 -22.23
N GLU D 76 23.10 -7.68 -23.21
CA GLU D 76 22.88 -6.35 -23.73
C GLU D 76 21.55 -6.36 -24.44
N ASP D 77 21.23 -7.53 -24.98
CA ASP D 77 19.95 -7.80 -25.62
C ASP D 77 19.23 -8.96 -24.95
N PRO D 78 18.44 -8.67 -23.90
CA PRO D 78 17.49 -9.66 -23.42
C PRO D 78 16.09 -9.40 -23.98
N LEU D 79 15.32 -10.48 -24.09
CA LEU D 79 13.94 -10.43 -24.57
C LEU D 79 12.97 -10.09 -23.42
N MET D 80 11.69 -9.97 -23.77
CA MET D 80 10.62 -9.63 -22.81
C MET D 80 10.54 -10.68 -21.71
N SER D 81 10.70 -11.95 -22.09
CA SER D 81 10.58 -13.09 -21.17
C SER D 81 11.76 -13.23 -20.19
N GLU D 82 12.96 -12.87 -20.62
CA GLU D 82 14.10 -12.82 -19.72
C GLU D 82 13.76 -11.77 -18.67
N CYS D 83 13.91 -12.12 -17.40
CA CYS D 83 13.86 -11.13 -16.33
C CYS D 83 15.23 -10.46 -16.27
N LEU D 84 15.30 -9.26 -15.68
CA LEU D 84 16.60 -8.64 -15.35
C LEU D 84 17.22 -9.32 -14.13
N LEU D 85 16.42 -10.10 -13.42
CA LEU D 85 16.86 -10.63 -12.14
C LEU D 85 16.11 -11.90 -11.82
N TYR D 86 16.85 -12.92 -11.42
CA TYR D 86 16.24 -14.17 -10.97
C TYR D 86 16.72 -14.48 -9.57
N TYR D 87 15.80 -14.91 -8.71
CA TYR D 87 16.15 -15.17 -7.32
C TYR D 87 16.69 -16.58 -7.12
N ILE D 88 17.65 -16.70 -6.21
CA ILE D 88 18.13 -18.01 -5.75
C ILE D 88 17.81 -18.16 -4.29
N LYS D 89 16.62 -18.72 -4.06
CA LYS D 89 16.05 -18.85 -2.74
C LYS D 89 16.60 -20.13 -2.13
N ASP D 90 16.41 -20.31 -0.82
CA ASP D 90 16.73 -21.59 -0.19
C ASP D 90 16.09 -22.74 -0.98
N GLY D 91 16.87 -23.78 -1.19
CA GLY D 91 16.37 -25.00 -1.81
C GLY D 91 16.98 -25.25 -3.17
N ILE D 92 16.16 -25.75 -4.08
CA ILE D 92 16.62 -26.16 -5.39
C ILE D 92 15.97 -25.28 -6.45
N THR D 93 16.81 -24.79 -7.36
CA THR D 93 16.35 -24.02 -8.51
C THR D 93 16.68 -24.83 -9.75
N ARG D 94 15.77 -24.78 -10.73
CA ARG D 94 15.87 -25.58 -11.95
C ARG D 94 15.82 -24.67 -13.16
N VAL D 95 16.91 -24.64 -13.93
CA VAL D 95 17.02 -23.77 -15.11
C VAL D 95 17.02 -24.61 -16.40
N GLY D 96 16.02 -24.39 -17.25
CA GLY D 96 15.88 -25.18 -18.48
C GLY D 96 14.86 -24.63 -19.47
N ARG D 97 14.38 -25.49 -20.35
CA ARG D 97 13.42 -25.07 -21.38
C ARG D 97 11.97 -25.11 -20.88
N ARG D 103 9.54 -28.74 -15.92
CA ARG D 103 9.04 -28.27 -14.62
C ARG D 103 10.06 -27.35 -13.95
N GLN D 104 10.52 -26.34 -14.70
CA GLN D 104 11.68 -25.56 -14.27
C GLN D 104 11.27 -24.29 -13.55
N ASP D 105 12.12 -23.83 -12.63
CA ASP D 105 11.86 -22.62 -11.83
C ASP D 105 12.19 -21.36 -12.63
N ILE D 106 13.35 -21.39 -13.29
CA ILE D 106 13.74 -20.41 -14.28
C ILE D 106 13.65 -21.07 -15.66
N VAL D 107 12.83 -20.52 -16.54
CA VAL D 107 12.78 -21.02 -17.90
C VAL D 107 13.51 -20.11 -18.87
N LEU D 108 14.41 -20.68 -19.66
CA LEU D 108 15.19 -19.94 -20.63
C LEU D 108 14.84 -20.29 -22.09
N SER D 109 14.68 -19.26 -22.91
CA SER D 109 14.36 -19.43 -24.33
C SER D 109 15.64 -19.66 -25.15
N GLY D 110 15.46 -19.91 -26.45
CA GLY D 110 16.57 -20.20 -27.35
C GLY D 110 16.77 -21.69 -27.58
N HIS D 111 17.28 -22.03 -28.76
CA HIS D 111 17.49 -23.42 -29.16
C HIS D 111 18.94 -23.88 -28.90
N PHE D 112 19.35 -23.76 -27.64
CA PHE D 112 20.68 -24.16 -27.17
C PHE D 112 20.65 -24.40 -25.67
N ILE D 113 19.56 -23.96 -25.05
CA ILE D 113 19.27 -24.26 -23.65
C ILE D 113 18.52 -25.59 -23.62
N LYS D 114 19.02 -26.53 -22.81
CA LYS D 114 18.38 -27.84 -22.65
C LYS D 114 17.10 -27.71 -21.84
N GLU D 115 16.20 -28.68 -21.99
CA GLU D 115 14.96 -28.73 -21.22
C GLU D 115 15.28 -28.74 -19.73
N GLU D 116 16.44 -29.30 -19.39
CA GLU D 116 16.99 -29.25 -18.04
C GLU D 116 18.48 -28.96 -18.13
N HIS D 117 18.83 -27.68 -18.04
CA HIS D 117 20.19 -27.23 -18.29
C HIS D 117 21.09 -27.38 -17.05
N CYS D 118 20.72 -26.71 -15.97
CA CYS D 118 21.49 -26.83 -14.74
C CYS D 118 20.65 -26.57 -13.51
N VAL D 119 21.23 -26.91 -12.36
CA VAL D 119 20.54 -26.77 -11.08
C VAL D 119 21.31 -25.83 -10.15
N PHE D 120 20.57 -25.06 -9.37
CA PHE D 120 21.16 -24.34 -8.26
C PHE D 120 20.65 -24.96 -6.98
N ARG D 121 21.56 -25.13 -6.02
CA ARG D 121 21.23 -25.73 -4.74
C ARG D 121 21.72 -24.76 -3.68
N SER D 122 20.78 -24.19 -2.91
CA SER D 122 21.09 -23.23 -1.85
C SER D 122 21.05 -23.93 -0.50
N ASP D 123 22.08 -23.72 0.33
CA ASP D 123 22.30 -24.51 1.55
C ASP D 123 22.42 -23.65 2.80
N SER D 124 21.45 -23.79 3.70
CA SER D 124 21.49 -23.10 5.00
C SER D 124 21.81 -24.09 6.13
N ARG D 125 22.55 -23.60 7.13
CA ARG D 125 22.94 -24.43 8.28
C ARG D 125 22.13 -24.09 9.54
N SER D 128 23.73 -20.89 8.55
CA SER D 128 23.51 -19.45 8.65
C SER D 128 23.58 -18.77 7.27
N GLU D 129 24.79 -18.44 6.82
CA GLU D 129 25.00 -17.81 5.51
C GLU D 129 24.82 -18.79 4.34
N ALA D 130 23.90 -18.45 3.43
CA ALA D 130 23.55 -19.32 2.30
C ALA D 130 24.73 -19.62 1.37
N VAL D 131 24.83 -20.90 0.99
CA VAL D 131 25.87 -21.43 0.12
C VAL D 131 25.18 -22.12 -1.07
N VAL D 132 25.57 -21.71 -2.28
CA VAL D 132 24.85 -22.06 -3.50
C VAL D 132 25.77 -22.81 -4.45
N THR D 133 25.33 -23.99 -4.88
CA THR D 133 26.09 -24.78 -5.86
C THR D 133 25.42 -24.71 -7.22
N LEU D 134 26.22 -24.47 -8.26
CA LEU D 134 25.74 -24.62 -9.62
C LEU D 134 26.07 -26.04 -10.04
N GLU D 135 25.02 -26.83 -10.23
CA GLU D 135 25.13 -28.22 -10.64
C GLU D 135 24.53 -28.40 -12.01
N PRO D 136 25.37 -28.41 -13.05
CA PRO D 136 24.98 -28.60 -14.45
C PRO D 136 24.68 -30.05 -14.81
N CYS D 137 23.76 -30.26 -15.74
CA CYS D 137 23.40 -31.59 -16.20
C CYS D 137 24.21 -31.98 -17.44
N GLU D 138 24.51 -33.28 -17.55
CA GLU D 138 25.22 -33.81 -18.71
C GLU D 138 24.44 -33.47 -19.99
N GLY D 139 25.18 -33.02 -21.00
CA GLY D 139 24.59 -32.54 -22.26
C GLY D 139 24.44 -31.03 -22.31
N ALA D 140 24.63 -30.40 -21.16
CA ALA D 140 24.43 -28.97 -21.05
C ALA D 140 25.74 -28.24 -20.79
N ASP D 141 26.01 -27.25 -21.65
CA ASP D 141 27.19 -26.42 -21.50
C ASP D 141 26.84 -25.31 -20.54
N THR D 142 27.71 -25.11 -19.57
CA THR D 142 27.57 -23.99 -18.66
C THR D 142 28.94 -23.54 -18.19
N TYR D 143 29.21 -22.26 -18.38
CA TYR D 143 30.49 -21.71 -18.03
C TYR D 143 30.37 -20.78 -16.84
N VAL D 144 31.30 -20.92 -15.91
CA VAL D 144 31.52 -19.94 -14.91
C VAL D 144 32.75 -19.19 -15.38
N ASN D 145 32.61 -17.90 -15.61
CA ASN D 145 33.74 -17.03 -15.99
C ASN D 145 34.53 -17.53 -17.20
N GLY D 146 33.79 -17.92 -18.25
CA GLY D 146 34.39 -18.35 -19.51
C GLY D 146 34.93 -19.77 -19.51
N LYS D 147 34.88 -20.44 -18.37
CA LYS D 147 35.44 -21.78 -18.25
C LYS D 147 34.30 -22.79 -18.12
N LYS D 148 34.29 -23.82 -18.97
CA LYS D 148 33.25 -24.85 -18.92
C LYS D 148 33.25 -25.65 -17.62
N VAL D 149 32.04 -25.98 -17.16
CA VAL D 149 31.82 -26.72 -15.93
C VAL D 149 30.94 -27.94 -16.21
N THR D 150 31.20 -29.05 -15.52
CA THR D 150 30.21 -30.13 -15.40
C THR D 150 30.22 -30.78 -14.02
N GLU D 151 31.12 -30.33 -13.16
CA GLU D 151 31.18 -30.80 -11.78
C GLU D 151 30.52 -29.77 -10.86
N PRO D 152 29.61 -30.21 -9.96
CA PRO D 152 28.99 -29.29 -9.01
C PRO D 152 30.03 -28.40 -8.37
N SER D 153 29.80 -27.09 -8.37
CA SER D 153 30.74 -26.17 -7.74
C SER D 153 30.10 -24.99 -7.00
N ILE D 154 30.78 -24.55 -5.94
CA ILE D 154 30.31 -23.47 -5.05
C ILE D 154 30.47 -22.09 -5.71
N LEU D 155 29.34 -21.44 -6.01
CA LEU D 155 29.40 -20.13 -6.65
C LEU D 155 29.75 -18.99 -5.70
N ARG D 156 30.22 -17.88 -6.26
CA ARG D 156 30.58 -16.73 -5.45
C ARG D 156 30.11 -15.44 -6.09
N SER D 157 30.02 -14.41 -5.26
CA SER D 157 29.59 -13.09 -5.71
C SER D 157 30.43 -12.69 -6.90
N GLY D 158 29.78 -12.19 -7.95
CA GLY D 158 30.48 -11.76 -9.15
C GLY D 158 30.80 -12.84 -10.17
N ASN D 159 30.46 -14.10 -9.86
CA ASN D 159 30.63 -15.18 -10.85
C ASN D 159 29.74 -14.96 -12.04
N ARG D 160 30.35 -14.88 -13.23
CA ARG D 160 29.57 -14.78 -14.45
C ARG D 160 29.21 -16.17 -14.94
N ILE D 161 27.96 -16.35 -15.30
CA ILE D 161 27.45 -17.66 -15.64
C ILE D 161 26.87 -17.63 -17.05
N ILE D 162 27.32 -18.57 -17.89
CA ILE D 162 26.80 -18.69 -19.24
C ILE D 162 26.14 -20.03 -19.43
N MET D 163 24.87 -19.97 -19.85
CA MET D 163 24.06 -21.15 -20.08
C MET D 163 23.80 -21.23 -21.57
N GLY D 164 24.25 -22.35 -22.15
CA GLY D 164 24.28 -22.54 -23.58
C GLY D 164 25.12 -21.52 -24.34
N LYS D 165 24.47 -20.86 -25.29
CA LYS D 165 25.13 -19.96 -26.23
C LYS D 165 24.80 -18.47 -26.04
N SER D 166 23.59 -18.16 -25.58
CA SER D 166 23.12 -16.78 -25.59
C SER D 166 22.57 -16.20 -24.29
N HIS D 167 22.99 -16.75 -23.15
CA HIS D 167 22.59 -16.22 -21.84
C HIS D 167 23.78 -16.07 -20.92
N VAL D 168 23.95 -14.86 -20.37
CA VAL D 168 24.95 -14.54 -19.37
C VAL D 168 24.31 -13.93 -18.15
N PHE D 169 24.63 -14.48 -16.99
CA PHE D 169 24.16 -13.93 -15.73
C PHE D 169 25.31 -13.64 -14.78
N ARG D 170 25.19 -12.54 -14.03
CA ARG D 170 26.10 -12.28 -12.92
C ARG D 170 25.48 -12.89 -11.66
N PHE D 171 26.19 -13.81 -11.03
CA PHE D 171 25.76 -14.31 -9.75
C PHE D 171 26.09 -13.28 -8.69
N ASN D 172 25.10 -12.95 -7.88
CA ASN D 172 25.24 -11.92 -6.88
C ASN D 172 24.64 -12.38 -5.56
N HIS D 173 25.46 -12.38 -4.52
CA HIS D 173 25.02 -12.83 -3.21
C HIS D 173 25.52 -11.87 -2.14
N PRO D 174 24.81 -10.74 -1.99
CA PRO D 174 25.12 -9.64 -1.10
C PRO D 174 25.63 -10.06 0.27
N GLU D 175 24.90 -10.94 0.95
CA GLU D 175 25.27 -11.35 2.30
C GLU D 175 26.64 -12.04 2.37
N GLN D 176 26.98 -12.82 1.33
CA GLN D 176 28.34 -13.39 1.23
C GLN D 176 29.39 -12.31 1.36
N ALA D 177 29.16 -11.18 0.68
CA ALA D 177 30.10 -10.07 0.65
C ALA D 177 30.09 -9.22 1.90
N ARG D 178 28.90 -8.93 2.44
CA ARG D 178 28.80 -8.16 3.68
C ARG D 178 29.55 -8.90 4.76
N GLN D 179 29.25 -10.20 4.89
CA GLN D 179 29.87 -11.09 5.88
C GLN D 179 31.34 -11.38 5.56
N GLU D 180 31.65 -11.67 4.30
CA GLU D 180 33.05 -11.90 3.93
C GLU D 180 33.89 -10.65 4.18
N ARG D 181 33.33 -9.47 3.85
CA ARG D 181 34.00 -8.18 4.08
C ARG D 181 33.26 -7.30 5.08
C1 PEG E . -24.82 -14.02 46.78
O1 PEG E . -25.86 -14.72 47.62
C2 PEG E . -25.70 -13.21 45.77
O2 PEG E . -25.05 -13.22 44.50
C3 PEG E . -25.54 -12.12 43.70
C4 PEG E . -24.85 -12.17 42.33
O4 PEG E . -25.56 -11.28 41.47
C1 GOL F . -21.34 -7.38 33.29
O1 GOL F . -22.26 -7.89 32.35
C2 GOL F . -21.16 -8.46 34.33
O2 GOL F . -21.81 -8.07 35.52
C3 GOL F . -19.67 -8.61 34.60
O3 GOL F . -19.58 -9.34 35.84
C1 PEG G . -32.49 -23.11 13.85
O1 PEG G . -33.71 -23.57 14.48
C2 PEG G . -32.88 -22.30 12.60
O2 PEG G . -33.89 -23.02 11.86
C3 PEG G . -34.40 -22.25 10.75
C4 PEG G . -35.81 -21.70 11.06
O4 PEG G . -36.51 -21.50 9.82
C1 GOL H . -25.34 -41.15 1.20
O1 GOL H . -25.42 -39.92 1.92
C2 GOL H . -25.67 -42.37 2.08
O2 GOL H . -24.53 -43.18 2.35
C3 GOL H . -26.82 -43.18 1.47
O3 GOL H . -26.39 -44.42 0.94
#